data_2JS0
#
_entry.id   2JS0
#
_entity_poly.entity_id   1
_entity_poly.type   'polypeptide(L)'
_entity_poly.pdbx_seq_one_letter_code
;GSLNMPAYVKFNYMAEREDELSLIKGTKVIVMEKCSDGWWRGSYNGQVGWFPSNYVTEEGD
;
_entity_poly.pdbx_strand_id   A
#
# COMPACT_ATOMS: atom_id res chain seq x y z
N GLY A 1 10.21 -12.17 -5.41
CA GLY A 1 9.53 -11.13 -6.24
C GLY A 1 8.48 -10.38 -5.46
N SER A 2 7.37 -10.06 -6.12
CA SER A 2 6.29 -9.31 -5.52
C SER A 2 4.95 -9.93 -5.91
N LEU A 3 4.40 -10.73 -5.03
CA LEU A 3 3.11 -11.38 -5.28
C LEU A 3 2.39 -11.61 -3.96
N ASN A 4 1.30 -10.86 -3.76
CA ASN A 4 0.50 -10.96 -2.54
C ASN A 4 1.37 -10.73 -1.31
N MET A 5 2.13 -9.66 -1.35
CA MET A 5 3.05 -9.31 -0.27
C MET A 5 2.35 -8.44 0.75
N PRO A 6 2.24 -8.89 2.01
CA PRO A 6 1.61 -8.11 3.07
C PRO A 6 2.47 -6.92 3.47
N ALA A 7 1.84 -5.76 3.59
CA ALA A 7 2.54 -4.54 4.00
C ALA A 7 1.73 -3.81 5.04
N TYR A 8 2.38 -3.48 6.14
CA TYR A 8 1.73 -2.82 7.26
C TYR A 8 1.85 -1.31 7.10
N VAL A 9 0.75 -0.60 7.21
CA VAL A 9 0.74 0.83 6.96
C VAL A 9 1.53 1.60 8.03
N LYS A 10 2.44 2.44 7.58
CA LYS A 10 3.26 3.27 8.47
C LYS A 10 2.46 4.42 9.04
N PHE A 11 1.91 5.26 8.16
CA PHE A 11 1.21 6.46 8.59
C PHE A 11 -0.10 6.62 7.83
N ASN A 12 -1.03 7.39 8.40
CA ASN A 12 -2.32 7.64 7.77
C ASN A 12 -2.15 8.38 6.45
N TYR A 13 -2.66 7.77 5.39
CA TYR A 13 -2.61 8.37 4.07
C TYR A 13 -4.00 8.39 3.45
N MET A 14 -4.52 9.60 3.24
CA MET A 14 -5.82 9.76 2.64
C MET A 14 -5.72 9.64 1.12
N ALA A 15 -6.51 8.73 0.56
CA ALA A 15 -6.58 8.57 -0.87
C ALA A 15 -7.50 9.62 -1.45
N GLU A 16 -7.01 10.37 -2.42
CA GLU A 16 -7.78 11.47 -2.98
C GLU A 16 -8.69 11.00 -4.10
N ARG A 17 -8.13 10.26 -5.04
CA ARG A 17 -8.86 9.87 -6.24
C ARG A 17 -9.27 8.40 -6.23
N GLU A 18 -9.80 7.95 -7.37
CA GLU A 18 -10.39 6.62 -7.48
C GLU A 18 -9.34 5.51 -7.47
N ASP A 19 -8.19 5.78 -8.07
CA ASP A 19 -7.16 4.76 -8.19
C ASP A 19 -6.11 4.91 -7.10
N GLU A 20 -6.39 5.78 -6.14
CA GLU A 20 -5.52 5.91 -4.97
C GLU A 20 -6.00 4.99 -3.87
N LEU A 21 -5.07 4.50 -3.07
CA LEU A 21 -5.38 3.54 -2.04
C LEU A 21 -5.18 4.16 -0.66
N SER A 22 -6.26 4.25 0.11
CA SER A 22 -6.21 4.85 1.44
C SER A 22 -5.48 3.96 2.43
N LEU A 23 -4.62 4.56 3.24
CA LEU A 23 -3.83 3.82 4.21
C LEU A 23 -4.12 4.28 5.63
N ILE A 24 -4.18 3.32 6.53
CA ILE A 24 -4.43 3.60 7.94
C ILE A 24 -3.30 3.04 8.78
N LYS A 25 -2.65 3.91 9.54
CA LYS A 25 -1.60 3.48 10.45
C LYS A 25 -2.14 2.38 11.36
N GLY A 26 -1.49 1.23 11.32
CA GLY A 26 -1.96 0.11 12.12
C GLY A 26 -2.52 -1.02 11.28
N THR A 27 -2.97 -0.71 10.07
CA THR A 27 -3.60 -1.71 9.22
C THR A 27 -2.59 -2.33 8.27
N LYS A 28 -3.06 -3.21 7.40
CA LYS A 28 -2.19 -3.92 6.48
C LYS A 28 -2.80 -3.95 5.08
N VAL A 29 -1.98 -3.80 4.07
CA VAL A 29 -2.43 -3.87 2.68
C VAL A 29 -1.75 -5.03 1.97
N ILE A 30 -2.34 -5.48 0.88
CA ILE A 30 -1.78 -6.56 0.08
C ILE A 30 -1.09 -6.00 -1.15
N VAL A 31 0.24 -6.03 -1.16
CA VAL A 31 1.02 -5.49 -2.25
C VAL A 31 1.17 -6.51 -3.36
N MET A 32 0.83 -6.09 -4.58
CA MET A 32 0.98 -6.94 -5.74
C MET A 32 2.01 -6.34 -6.69
N GLU A 33 1.82 -5.06 -7.00
CA GLU A 33 2.68 -4.38 -7.94
C GLU A 33 3.59 -3.39 -7.22
N LYS A 34 4.88 -3.43 -7.53
CA LYS A 34 5.83 -2.48 -6.98
C LYS A 34 6.76 -1.98 -8.08
N CYS A 35 6.70 -0.69 -8.35
CA CYS A 35 7.48 -0.10 -9.43
C CYS A 35 8.90 0.22 -8.96
N SER A 36 9.69 0.82 -9.84
CA SER A 36 11.06 1.18 -9.52
C SER A 36 11.12 2.51 -8.76
N ASP A 37 9.96 3.12 -8.56
CA ASP A 37 9.86 4.37 -7.85
C ASP A 37 8.91 4.25 -6.65
N GLY A 38 8.44 5.38 -6.14
CA GLY A 38 7.70 5.37 -4.89
C GLY A 38 6.23 4.99 -5.03
N TRP A 39 5.79 4.67 -6.24
CA TRP A 39 4.40 4.28 -6.45
C TRP A 39 4.24 2.76 -6.51
N TRP A 40 3.62 2.22 -5.47
CA TRP A 40 3.29 0.80 -5.42
C TRP A 40 1.78 0.62 -5.61
N ARG A 41 1.38 -0.58 -5.99
CA ARG A 41 -0.03 -0.88 -6.19
C ARG A 41 -0.45 -2.08 -5.35
N GLY A 42 -1.38 -1.83 -4.43
CA GLY A 42 -1.83 -2.86 -3.53
C GLY A 42 -3.29 -2.71 -3.18
N SER A 43 -3.83 -3.72 -2.50
CA SER A 43 -5.23 -3.71 -2.12
C SER A 43 -5.39 -3.60 -0.61
N TYR A 44 -6.26 -2.71 -0.19
CA TYR A 44 -6.62 -2.55 1.20
C TYR A 44 -8.10 -2.88 1.34
N ASN A 45 -8.39 -3.99 2.06
CA ASN A 45 -9.73 -4.59 2.16
C ASN A 45 -10.86 -3.63 1.80
N GLY A 46 -11.28 -3.67 0.53
CA GLY A 46 -12.34 -2.80 0.07
C GLY A 46 -12.03 -2.20 -1.29
N GLN A 47 -10.80 -1.72 -1.45
CA GLN A 47 -10.38 -1.12 -2.71
C GLN A 47 -8.91 -1.46 -3.00
N VAL A 48 -8.53 -1.32 -4.27
CA VAL A 48 -7.17 -1.52 -4.69
C VAL A 48 -6.67 -0.25 -5.36
N GLY A 49 -5.37 -0.05 -5.41
CA GLY A 49 -4.84 1.06 -6.16
C GLY A 49 -3.43 1.43 -5.76
N TRP A 50 -3.05 2.68 -6.03
CA TRP A 50 -1.69 3.13 -5.83
C TRP A 50 -1.50 3.72 -4.44
N PHE A 51 -0.37 3.42 -3.84
CA PHE A 51 -0.01 3.98 -2.56
C PHE A 51 1.50 4.22 -2.52
N PRO A 52 1.96 5.24 -1.76
CA PRO A 52 3.38 5.56 -1.64
C PRO A 52 4.13 4.54 -0.80
N SER A 53 5.27 4.09 -1.32
CA SER A 53 6.09 3.08 -0.68
C SER A 53 6.61 3.54 0.68
N ASN A 54 6.79 4.84 0.85
CA ASN A 54 7.32 5.39 2.09
C ASN A 54 6.30 5.30 3.22
N TYR A 55 5.07 4.93 2.88
CA TYR A 55 3.99 4.86 3.86
C TYR A 55 3.68 3.41 4.26
N VAL A 56 4.50 2.47 3.82
CA VAL A 56 4.24 1.07 4.13
C VAL A 56 5.46 0.34 4.70
N THR A 57 5.16 -0.58 5.60
CA THR A 57 6.13 -1.49 6.16
C THR A 57 5.99 -2.85 5.50
N GLU A 58 6.91 -3.20 4.62
CA GLU A 58 6.88 -4.52 3.99
C GLU A 58 6.91 -5.60 5.07
N GLU A 59 8.02 -5.68 5.77
CA GLU A 59 8.14 -6.55 6.93
C GLU A 59 9.45 -6.22 7.63
N GLY A 60 9.37 -5.30 8.58
CA GLY A 60 10.56 -4.81 9.21
C GLY A 60 11.14 -3.62 8.48
N ASP A 61 12.38 -3.75 8.04
CA ASP A 61 13.04 -2.68 7.29
C ASP A 61 13.82 -3.27 6.13
N GLY A 1 8.47 -13.51 -4.22
CA GLY A 1 8.80 -12.28 -4.98
C GLY A 1 7.78 -11.20 -4.74
N SER A 2 7.82 -10.17 -5.58
CA SER A 2 6.88 -9.07 -5.48
C SER A 2 5.52 -9.47 -6.06
N LEU A 3 4.71 -10.12 -5.23
CA LEU A 3 3.36 -10.49 -5.59
C LEU A 3 2.60 -10.95 -4.35
N ASN A 4 1.53 -10.22 -4.03
CA ASN A 4 0.72 -10.49 -2.84
C ASN A 4 1.59 -10.45 -1.60
N MET A 5 2.24 -9.31 -1.39
CA MET A 5 3.07 -9.10 -0.23
C MET A 5 2.35 -8.22 0.78
N PRO A 6 2.14 -8.72 1.99
CA PRO A 6 1.52 -7.95 3.06
C PRO A 6 2.43 -6.83 3.54
N ALA A 7 1.88 -5.62 3.63
CA ALA A 7 2.65 -4.46 4.05
C ALA A 7 1.90 -3.67 5.10
N TYR A 8 2.59 -3.36 6.18
CA TYR A 8 2.02 -2.70 7.33
C TYR A 8 2.09 -1.18 7.15
N VAL A 9 0.95 -0.52 7.22
CA VAL A 9 0.90 0.92 6.98
C VAL A 9 1.71 1.69 8.01
N LYS A 10 2.57 2.57 7.52
CA LYS A 10 3.43 3.40 8.38
C LYS A 10 2.63 4.53 9.02
N PHE A 11 1.96 5.32 8.18
CA PHE A 11 1.20 6.46 8.66
C PHE A 11 -0.10 6.59 7.90
N ASN A 12 -1.05 7.33 8.47
CA ASN A 12 -2.35 7.55 7.85
C ASN A 12 -2.20 8.28 6.52
N TYR A 13 -2.71 7.67 5.47
CA TYR A 13 -2.68 8.27 4.15
C TYR A 13 -4.07 8.28 3.57
N MET A 14 -4.72 9.43 3.63
CA MET A 14 -6.07 9.56 3.11
C MET A 14 -6.03 9.75 1.60
N ALA A 15 -6.71 8.85 0.90
CA ALA A 15 -6.76 8.91 -0.56
C ALA A 15 -7.78 9.93 -1.03
N GLU A 16 -7.49 10.59 -2.14
CA GLU A 16 -8.39 11.57 -2.70
C GLU A 16 -9.07 10.98 -3.93
N ARG A 17 -8.26 10.56 -4.90
CA ARG A 17 -8.77 10.00 -6.13
C ARG A 17 -9.09 8.52 -5.97
N GLU A 18 -9.81 7.97 -6.92
CA GLU A 18 -10.28 6.59 -6.85
C GLU A 18 -9.14 5.61 -7.11
N ASP A 19 -8.12 6.07 -7.81
CA ASP A 19 -6.97 5.24 -8.14
C ASP A 19 -5.91 5.32 -7.05
N GLU A 20 -6.22 6.06 -5.99
CA GLU A 20 -5.38 6.09 -4.80
C GLU A 20 -5.83 5.02 -3.81
N LEU A 21 -5.01 4.75 -2.82
CA LEU A 21 -5.35 3.79 -1.79
C LEU A 21 -5.30 4.44 -0.41
N SER A 22 -6.40 4.35 0.32
CA SER A 22 -6.47 4.91 1.66
C SER A 22 -5.75 4.00 2.65
N LEU A 23 -4.72 4.52 3.29
CA LEU A 23 -3.92 3.74 4.23
C LEU A 23 -4.16 4.20 5.65
N ILE A 24 -4.21 3.25 6.57
CA ILE A 24 -4.43 3.52 7.98
C ILE A 24 -3.30 2.95 8.81
N LYS A 25 -2.61 3.81 9.53
CA LYS A 25 -1.55 3.35 10.42
C LYS A 25 -2.14 2.32 11.38
N GLY A 26 -1.57 1.14 11.38
CA GLY A 26 -2.09 0.08 12.21
C GLY A 26 -2.68 -1.05 11.39
N THR A 27 -2.96 -0.78 10.13
CA THR A 27 -3.53 -1.79 9.25
C THR A 27 -2.50 -2.32 8.27
N LYS A 28 -2.91 -3.27 7.45
CA LYS A 28 -1.98 -3.95 6.55
C LYS A 28 -2.60 -4.10 5.16
N VAL A 29 -1.84 -3.77 4.12
CA VAL A 29 -2.33 -3.83 2.76
C VAL A 29 -1.64 -4.95 1.98
N ILE A 30 -2.20 -5.30 0.83
CA ILE A 30 -1.60 -6.34 -0.01
C ILE A 30 -0.93 -5.72 -1.23
N VAL A 31 0.39 -5.69 -1.20
CA VAL A 31 1.15 -5.15 -2.32
C VAL A 31 1.32 -6.22 -3.39
N MET A 32 0.76 -5.96 -4.56
CA MET A 32 0.82 -6.92 -5.65
C MET A 32 1.92 -6.56 -6.63
N GLU A 33 1.90 -5.33 -7.12
CA GLU A 33 2.89 -4.88 -8.08
C GLU A 33 3.75 -3.79 -7.46
N LYS A 34 5.05 -4.03 -7.45
CA LYS A 34 6.00 -3.09 -6.90
C LYS A 34 6.80 -2.41 -8.01
N CYS A 35 6.71 -1.10 -8.07
CA CYS A 35 7.59 -0.34 -8.94
C CYS A 35 8.92 -0.13 -8.22
N SER A 36 10.01 -0.10 -8.96
CA SER A 36 11.34 0.05 -8.37
C SER A 36 11.44 1.34 -7.55
N ASP A 37 10.70 2.35 -7.95
CA ASP A 37 10.58 3.59 -7.20
C ASP A 37 9.26 4.26 -7.53
N GLY A 38 8.73 5.01 -6.57
CA GLY A 38 7.51 5.74 -6.81
C GLY A 38 6.30 5.09 -6.16
N TRP A 39 5.29 4.80 -6.98
CA TRP A 39 4.02 4.29 -6.49
C TRP A 39 3.98 2.77 -6.50
N TRP A 40 3.33 2.20 -5.50
CA TRP A 40 3.09 0.77 -5.45
C TRP A 40 1.61 0.49 -5.63
N ARG A 41 1.28 -0.61 -6.28
CA ARG A 41 -0.11 -0.96 -6.49
C ARG A 41 -0.53 -2.07 -5.53
N GLY A 42 -1.37 -1.71 -4.58
CA GLY A 42 -1.80 -2.65 -3.58
C GLY A 42 -3.28 -2.57 -3.32
N SER A 43 -3.83 -3.59 -2.68
CA SER A 43 -5.25 -3.61 -2.36
C SER A 43 -5.44 -3.57 -0.85
N TYR A 44 -6.51 -2.88 -0.44
CA TYR A 44 -6.82 -2.71 0.97
C TYR A 44 -8.32 -2.67 1.16
N ASN A 45 -8.80 -3.36 2.19
CA ASN A 45 -10.23 -3.41 2.51
C ASN A 45 -10.97 -4.21 1.45
N GLY A 46 -11.43 -3.50 0.44
CA GLY A 46 -12.08 -4.13 -0.68
C GLY A 46 -11.75 -3.45 -1.98
N GLN A 47 -10.84 -2.48 -1.90
CA GLN A 47 -10.45 -1.70 -3.06
C GLN A 47 -8.99 -1.94 -3.38
N VAL A 48 -8.54 -1.39 -4.49
CA VAL A 48 -7.16 -1.49 -4.90
C VAL A 48 -6.72 -0.13 -5.44
N GLY A 49 -5.42 0.06 -5.58
CA GLY A 49 -4.96 1.27 -6.22
C GLY A 49 -3.50 1.57 -5.89
N TRP A 50 -3.13 2.82 -6.05
CA TRP A 50 -1.74 3.23 -5.89
C TRP A 50 -1.53 3.94 -4.57
N PHE A 51 -0.45 3.58 -3.89
CA PHE A 51 -0.07 4.25 -2.66
C PHE A 51 1.42 4.55 -2.69
N PRO A 52 1.85 5.62 -2.02
CA PRO A 52 3.27 5.97 -1.92
C PRO A 52 4.04 4.95 -1.10
N SER A 53 5.20 4.55 -1.61
CA SER A 53 6.02 3.53 -0.97
C SER A 53 6.57 3.98 0.38
N ASN A 54 6.48 5.29 0.64
CA ASN A 54 7.02 5.87 1.87
C ASN A 54 6.10 5.60 3.05
N TYR A 55 4.91 5.08 2.79
CA TYR A 55 3.89 4.93 3.83
C TYR A 55 3.62 3.48 4.20
N VAL A 56 4.48 2.56 3.79
CA VAL A 56 4.25 1.14 4.10
C VAL A 56 5.47 0.47 4.72
N THR A 57 5.23 -0.73 5.22
CA THR A 57 6.24 -1.55 5.86
C THR A 57 6.12 -2.99 5.35
N GLU A 58 7.10 -3.43 4.59
CA GLU A 58 7.06 -4.77 4.01
C GLU A 58 7.13 -5.84 5.10
N GLU A 59 8.25 -5.91 5.79
CA GLU A 59 8.41 -6.87 6.88
C GLU A 59 9.42 -6.36 7.90
N GLY A 60 8.94 -5.79 8.98
CA GLY A 60 9.82 -5.39 10.06
C GLY A 60 9.57 -3.97 10.54
N ASP A 61 8.72 -3.83 11.54
CA ASP A 61 8.47 -2.53 12.16
C ASP A 61 8.09 -2.71 13.62
N GLY A 1 3.11 -10.10 -12.72
CA GLY A 1 2.66 -11.20 -11.83
C GLY A 1 2.66 -10.77 -10.37
N SER A 2 1.59 -11.09 -9.67
CA SER A 2 1.42 -10.66 -8.28
C SER A 2 2.18 -11.58 -7.33
N LEU A 3 3.01 -10.97 -6.48
CA LEU A 3 3.74 -11.71 -5.46
C LEU A 3 2.88 -11.87 -4.21
N ASN A 4 2.06 -10.84 -3.95
CA ASN A 4 1.19 -10.78 -2.78
C ASN A 4 2.00 -10.71 -1.49
N MET A 5 2.56 -9.53 -1.24
CA MET A 5 3.36 -9.29 -0.07
C MET A 5 2.62 -8.37 0.89
N PRO A 6 2.43 -8.80 2.14
CA PRO A 6 1.75 -8.01 3.15
C PRO A 6 2.62 -6.85 3.63
N ALA A 7 2.03 -5.66 3.69
CA ALA A 7 2.77 -4.48 4.12
C ALA A 7 1.96 -3.69 5.13
N TYR A 8 2.60 -3.38 6.25
CA TYR A 8 1.97 -2.67 7.34
C TYR A 8 1.97 -1.16 7.06
N VAL A 9 0.86 -0.50 7.35
CA VAL A 9 0.76 0.94 7.13
C VAL A 9 1.36 1.70 8.31
N LYS A 10 2.31 2.57 8.00
CA LYS A 10 3.05 3.30 9.03
C LYS A 10 2.35 4.60 9.41
N PHE A 11 1.76 5.28 8.43
CA PHE A 11 1.10 6.55 8.67
C PHE A 11 -0.24 6.59 7.95
N ASN A 12 -1.22 7.28 8.55
CA ASN A 12 -2.54 7.39 7.95
C ASN A 12 -2.47 8.23 6.69
N TYR A 13 -2.99 7.70 5.60
CA TYR A 13 -2.94 8.36 4.31
C TYR A 13 -4.32 8.40 3.69
N MET A 14 -4.97 9.56 3.78
CA MET A 14 -6.29 9.73 3.22
C MET A 14 -6.19 10.03 1.73
N ALA A 15 -6.57 9.06 0.91
CA ALA A 15 -6.50 9.20 -0.54
C ALA A 15 -7.59 10.12 -1.05
N GLU A 16 -7.32 10.79 -2.17
CA GLU A 16 -8.30 11.67 -2.78
C GLU A 16 -8.55 11.28 -4.23
N ARG A 17 -7.51 10.85 -4.91
CA ARG A 17 -7.59 10.49 -6.32
C ARG A 17 -8.03 9.05 -6.50
N GLU A 18 -8.43 8.74 -7.73
CA GLU A 18 -8.86 7.41 -8.10
C GLU A 18 -7.66 6.46 -8.18
N ASP A 19 -6.49 7.04 -8.44
CA ASP A 19 -5.25 6.28 -8.55
C ASP A 19 -4.54 6.21 -7.19
N GLU A 20 -5.29 6.48 -6.12
CA GLU A 20 -4.73 6.43 -4.78
C GLU A 20 -5.42 5.37 -3.93
N LEU A 21 -4.76 4.97 -2.85
CA LEU A 21 -5.31 4.02 -1.90
C LEU A 21 -5.27 4.62 -0.50
N SER A 22 -6.40 4.56 0.19
CA SER A 22 -6.51 5.08 1.55
C SER A 22 -5.83 4.14 2.54
N LEU A 23 -4.78 4.63 3.19
CA LEU A 23 -4.02 3.82 4.12
C LEU A 23 -4.32 4.24 5.55
N ILE A 24 -4.33 3.27 6.45
CA ILE A 24 -4.62 3.52 7.86
C ILE A 24 -3.47 3.06 8.73
N LYS A 25 -2.84 3.97 9.44
CA LYS A 25 -1.81 3.60 10.40
C LYS A 25 -2.38 2.58 11.38
N GLY A 26 -1.75 1.42 11.42
CA GLY A 26 -2.26 0.36 12.27
C GLY A 26 -2.87 -0.78 11.49
N THR A 27 -2.85 -0.68 10.16
CA THR A 27 -3.40 -1.74 9.32
C THR A 27 -2.33 -2.33 8.41
N LYS A 28 -2.76 -3.21 7.52
CA LYS A 28 -1.85 -3.91 6.64
C LYS A 28 -2.50 -4.12 5.28
N VAL A 29 -1.77 -3.81 4.21
CA VAL A 29 -2.29 -3.93 2.86
C VAL A 29 -1.62 -5.09 2.11
N ILE A 30 -2.19 -5.45 0.97
CA ILE A 30 -1.64 -6.51 0.15
C ILE A 30 -0.92 -5.94 -1.07
N VAL A 31 0.41 -5.94 -1.03
CA VAL A 31 1.21 -5.45 -2.12
C VAL A 31 1.43 -6.54 -3.16
N MET A 32 0.74 -6.45 -4.28
CA MET A 32 0.84 -7.47 -5.31
C MET A 32 2.06 -7.29 -6.18
N GLU A 33 2.21 -6.09 -6.74
CA GLU A 33 3.31 -5.78 -7.64
C GLU A 33 3.86 -4.39 -7.34
N LYS A 34 5.17 -4.26 -7.42
CA LYS A 34 5.84 -3.00 -7.11
C LYS A 34 6.64 -2.51 -8.31
N CYS A 35 6.53 -1.23 -8.58
CA CYS A 35 7.22 -0.61 -9.71
C CYS A 35 8.47 0.10 -9.24
N SER A 36 9.19 0.74 -10.16
CA SER A 36 10.38 1.51 -9.83
C SER A 36 9.99 2.89 -9.32
N ASP A 37 8.69 3.14 -9.25
CA ASP A 37 8.17 4.41 -8.76
C ASP A 37 7.90 4.31 -7.28
N GLY A 38 7.61 5.45 -6.66
CA GLY A 38 7.26 5.48 -5.26
C GLY A 38 5.83 5.05 -5.01
N TRP A 39 5.14 4.67 -6.07
CA TRP A 39 3.77 4.21 -5.98
C TRP A 39 3.69 2.71 -6.23
N TRP A 40 3.10 2.00 -5.28
CA TRP A 40 2.96 0.55 -5.39
C TRP A 40 1.49 0.18 -5.58
N ARG A 41 1.26 -0.95 -6.22
CA ARG A 41 -0.10 -1.39 -6.51
C ARG A 41 -0.53 -2.44 -5.49
N GLY A 42 -1.41 -2.03 -4.59
CA GLY A 42 -1.85 -2.91 -3.54
C GLY A 42 -3.33 -2.77 -3.27
N SER A 43 -3.91 -3.76 -2.62
CA SER A 43 -5.32 -3.76 -2.28
C SER A 43 -5.51 -3.77 -0.76
N TYR A 44 -6.56 -3.10 -0.31
CA TYR A 44 -6.84 -3.02 1.12
C TYR A 44 -8.34 -2.95 1.39
N ASN A 45 -8.81 -3.90 2.21
CA ASN A 45 -10.15 -3.88 2.79
C ASN A 45 -11.26 -4.19 1.80
N GLY A 46 -11.08 -3.78 0.56
CA GLY A 46 -12.07 -4.02 -0.46
C GLY A 46 -11.62 -3.60 -1.83
N GLN A 47 -10.96 -2.46 -1.91
CA GLN A 47 -10.51 -1.94 -3.19
C GLN A 47 -9.03 -2.16 -3.40
N VAL A 48 -8.57 -1.76 -4.58
CA VAL A 48 -7.16 -1.85 -4.94
C VAL A 48 -6.72 -0.51 -5.49
N GLY A 49 -5.42 -0.30 -5.58
CA GLY A 49 -4.92 0.87 -6.26
C GLY A 49 -3.47 1.15 -5.96
N TRP A 50 -3.07 2.41 -6.11
CA TRP A 50 -1.69 2.78 -5.90
C TRP A 50 -1.53 3.52 -4.57
N PHE A 51 -0.48 3.18 -3.85
CA PHE A 51 -0.18 3.87 -2.60
C PHE A 51 1.30 4.21 -2.56
N PRO A 52 1.67 5.32 -1.90
CA PRO A 52 3.06 5.72 -1.75
C PRO A 52 3.83 4.81 -0.79
N SER A 53 4.97 4.32 -1.24
CA SER A 53 5.81 3.42 -0.46
C SER A 53 6.33 4.06 0.83
N ASN A 54 6.17 5.38 0.92
CA ASN A 54 6.66 6.15 2.07
C ASN A 54 5.88 5.83 3.34
N TYR A 55 4.74 5.17 3.21
CA TYR A 55 3.86 4.98 4.34
C TYR A 55 3.65 3.49 4.67
N VAL A 56 4.50 2.62 4.15
CA VAL A 56 4.31 1.18 4.38
C VAL A 56 5.58 0.49 4.89
N THR A 57 5.40 -0.77 5.29
CA THR A 57 6.48 -1.60 5.77
C THR A 57 6.15 -3.07 5.51
N GLU A 58 6.86 -3.68 4.56
CA GLU A 58 6.62 -5.06 4.20
C GLU A 58 7.36 -6.00 5.13
N GLU A 59 8.68 -6.03 4.96
CA GLU A 59 9.53 -6.94 5.68
C GLU A 59 10.34 -6.19 6.74
N GLY A 60 9.68 -5.84 7.83
CA GLY A 60 10.33 -5.16 8.93
C GLY A 60 9.49 -5.18 10.18
N ASP A 61 10.08 -4.81 11.31
CA ASP A 61 9.38 -4.75 12.58
C ASP A 61 10.10 -3.78 13.51
N GLY A 1 2.52 -15.46 -1.39
CA GLY A 1 3.89 -15.34 -1.93
C GLY A 1 4.24 -13.90 -2.24
N SER A 2 4.99 -13.68 -3.31
CA SER A 2 5.28 -12.33 -3.76
C SER A 2 4.24 -11.93 -4.80
N LEU A 3 4.17 -10.64 -5.13
CA LEU A 3 3.13 -10.10 -6.00
C LEU A 3 1.77 -10.15 -5.29
N ASN A 4 1.84 -10.17 -3.97
CA ASN A 4 0.69 -10.20 -3.08
C ASN A 4 1.20 -10.11 -1.64
N MET A 5 2.18 -9.22 -1.45
CA MET A 5 2.90 -9.11 -0.20
C MET A 5 2.10 -8.29 0.83
N PRO A 6 1.93 -8.82 2.04
CA PRO A 6 1.32 -8.06 3.13
C PRO A 6 2.25 -6.96 3.61
N ALA A 7 1.70 -5.76 3.72
CA ALA A 7 2.49 -4.61 4.16
C ALA A 7 1.70 -3.76 5.14
N TYR A 8 2.32 -3.49 6.27
CA TYR A 8 1.69 -2.69 7.32
C TYR A 8 1.85 -1.21 7.02
N VAL A 9 0.79 -0.45 7.22
CA VAL A 9 0.82 0.97 6.94
C VAL A 9 1.58 1.74 8.01
N LYS A 10 2.49 2.60 7.56
CA LYS A 10 3.32 3.40 8.46
C LYS A 10 2.60 4.65 8.95
N PHE A 11 2.09 5.44 8.01
CA PHE A 11 1.50 6.72 8.36
C PHE A 11 0.12 6.85 7.74
N ASN A 12 -0.68 7.76 8.28
CA ASN A 12 -2.02 8.00 7.78
C ASN A 12 -1.96 8.74 6.45
N TYR A 13 -2.25 8.03 5.37
CA TYR A 13 -2.24 8.63 4.04
C TYR A 13 -3.65 8.75 3.51
N MET A 14 -4.21 9.94 3.59
CA MET A 14 -5.56 10.19 3.13
C MET A 14 -5.56 10.38 1.62
N ALA A 15 -6.06 9.38 0.91
CA ALA A 15 -6.12 9.41 -0.54
C ALA A 15 -7.43 10.02 -1.00
N GLU A 16 -7.39 10.74 -2.13
CA GLU A 16 -8.58 11.39 -2.64
C GLU A 16 -8.94 10.86 -4.02
N ARG A 17 -8.03 10.12 -4.64
CA ARG A 17 -8.28 9.52 -5.94
C ARG A 17 -8.77 8.08 -5.75
N GLU A 18 -9.72 7.65 -6.57
CA GLU A 18 -10.31 6.32 -6.43
C GLU A 18 -9.28 5.24 -6.78
N ASP A 19 -8.30 5.62 -7.58
CA ASP A 19 -7.21 4.70 -7.93
C ASP A 19 -6.06 4.83 -6.94
N GLU A 20 -6.28 5.59 -5.87
CA GLU A 20 -5.35 5.64 -4.76
C GLU A 20 -5.85 4.74 -3.64
N LEU A 21 -5.01 4.51 -2.65
CA LEU A 21 -5.40 3.76 -1.48
C LEU A 21 -5.13 4.58 -0.23
N SER A 22 -6.19 4.98 0.46
CA SER A 22 -6.03 5.72 1.70
C SER A 22 -5.51 4.81 2.79
N LEU A 23 -4.25 4.99 3.13
CA LEU A 23 -3.59 4.12 4.07
C LEU A 23 -3.82 4.60 5.50
N ILE A 24 -4.07 3.65 6.39
CA ILE A 24 -4.31 3.95 7.78
C ILE A 24 -3.20 3.36 8.63
N LYS A 25 -2.47 4.20 9.34
CA LYS A 25 -1.47 3.73 10.27
C LYS A 25 -2.10 2.70 11.20
N GLY A 26 -1.56 1.48 11.19
CA GLY A 26 -2.13 0.43 11.99
C GLY A 26 -2.79 -0.67 11.17
N THR A 27 -2.95 -0.44 9.88
CA THR A 27 -3.60 -1.43 9.01
C THR A 27 -2.57 -2.14 8.13
N LYS A 28 -3.03 -3.12 7.35
CA LYS A 28 -2.15 -3.91 6.51
C LYS A 28 -2.75 -4.03 5.10
N VAL A 29 -1.97 -3.73 4.07
CA VAL A 29 -2.44 -3.81 2.70
C VAL A 29 -1.73 -4.94 1.96
N ILE A 30 -2.20 -5.26 0.76
CA ILE A 30 -1.62 -6.32 -0.06
C ILE A 30 -0.92 -5.72 -1.28
N VAL A 31 0.40 -5.75 -1.29
CA VAL A 31 1.17 -5.18 -2.40
C VAL A 31 1.38 -6.24 -3.49
N MET A 32 0.80 -6.01 -4.66
CA MET A 32 0.92 -6.94 -5.76
C MET A 32 1.98 -6.46 -6.76
N GLU A 33 1.80 -5.23 -7.24
CA GLU A 33 2.73 -4.64 -8.19
C GLU A 33 3.52 -3.52 -7.52
N LYS A 34 4.80 -3.41 -7.85
CA LYS A 34 5.65 -2.42 -7.23
C LYS A 34 6.44 -1.61 -8.26
N CYS A 35 6.26 -0.31 -8.23
CA CYS A 35 7.18 0.59 -8.90
C CYS A 35 8.14 1.11 -7.86
N SER A 36 9.35 0.56 -7.84
CA SER A 36 10.34 0.87 -6.81
C SER A 36 10.54 2.38 -6.67
N ASP A 37 10.61 3.06 -7.80
CA ASP A 37 10.67 4.51 -7.80
C ASP A 37 9.31 5.09 -8.13
N GLY A 38 8.49 5.30 -7.11
CA GLY A 38 7.18 5.87 -7.30
C GLY A 38 6.09 5.18 -6.48
N TRP A 39 5.04 4.78 -7.16
CA TRP A 39 3.85 4.25 -6.50
C TRP A 39 3.86 2.73 -6.45
N TRP A 40 3.29 2.18 -5.38
CA TRP A 40 3.06 0.74 -5.29
C TRP A 40 1.58 0.44 -5.49
N ARG A 41 1.29 -0.66 -6.16
CA ARG A 41 -0.07 -1.02 -6.48
C ARG A 41 -0.55 -2.11 -5.53
N GLY A 42 -1.39 -1.73 -4.58
CA GLY A 42 -1.84 -2.66 -3.57
C GLY A 42 -3.33 -2.63 -3.37
N SER A 43 -3.85 -3.64 -2.72
CA SER A 43 -5.26 -3.72 -2.41
C SER A 43 -5.46 -3.92 -0.91
N TYR A 44 -6.49 -3.29 -0.38
CA TYR A 44 -6.82 -3.44 1.02
C TYR A 44 -8.34 -3.60 1.16
N ASN A 45 -8.74 -4.68 1.84
CA ASN A 45 -10.15 -5.05 1.98
C ASN A 45 -10.73 -5.46 0.63
N GLY A 46 -11.27 -4.50 -0.07
CA GLY A 46 -11.81 -4.74 -1.39
C GLY A 46 -11.38 -3.68 -2.39
N GLN A 47 -10.67 -2.67 -1.90
CA GLN A 47 -10.24 -1.56 -2.74
C GLN A 47 -8.79 -1.73 -3.14
N VAL A 48 -8.52 -1.63 -4.43
CA VAL A 48 -7.16 -1.70 -4.93
C VAL A 48 -6.74 -0.31 -5.40
N GLY A 49 -5.45 -0.07 -5.49
CA GLY A 49 -4.98 1.16 -6.07
C GLY A 49 -3.53 1.44 -5.77
N TRP A 50 -3.13 2.69 -5.92
CA TRP A 50 -1.74 3.08 -5.78
C TRP A 50 -1.49 3.82 -4.48
N PHE A 51 -0.36 3.55 -3.87
CA PHE A 51 0.07 4.26 -2.68
C PHE A 51 1.58 4.46 -2.72
N PRO A 52 2.09 5.55 -2.12
CA PRO A 52 3.53 5.81 -2.04
C PRO A 52 4.26 4.73 -1.24
N SER A 53 5.37 4.27 -1.79
CA SER A 53 6.12 3.14 -1.22
C SER A 53 6.67 3.44 0.17
N ASN A 54 6.75 4.70 0.54
CA ASN A 54 7.36 5.09 1.81
C ASN A 54 6.36 5.13 2.95
N TYR A 55 5.15 4.66 2.71
CA TYR A 55 4.12 4.67 3.75
C TYR A 55 3.73 3.26 4.18
N VAL A 56 4.56 2.29 3.85
CA VAL A 56 4.27 0.90 4.20
C VAL A 56 5.47 0.19 4.81
N THR A 57 5.22 -0.99 5.35
CA THR A 57 6.22 -1.82 5.98
C THR A 57 5.86 -3.29 5.82
N GLU A 58 6.62 -3.99 4.99
CA GLU A 58 6.33 -5.39 4.69
C GLU A 58 6.50 -6.25 5.93
N GLU A 59 7.74 -6.55 6.27
CA GLU A 59 8.06 -7.30 7.47
C GLU A 59 9.27 -6.69 8.16
N GLY A 60 9.01 -5.72 9.03
CA GLY A 60 10.08 -5.04 9.72
C GLY A 60 10.17 -5.43 11.17
N ASP A 61 9.02 -5.74 11.77
CA ASP A 61 8.97 -6.08 13.18
C ASP A 61 8.10 -7.32 13.38
N GLY A 1 9.30 -14.36 -5.70
CA GLY A 1 8.33 -13.25 -5.62
C GLY A 1 6.92 -13.70 -5.97
N SER A 2 6.00 -13.58 -5.02
CA SER A 2 4.65 -14.09 -5.20
C SER A 2 3.69 -13.00 -5.65
N LEU A 3 4.17 -11.76 -5.65
CA LEU A 3 3.36 -10.59 -6.03
C LEU A 3 2.07 -10.53 -5.20
N ASN A 4 2.25 -10.41 -3.89
CA ASN A 4 1.13 -10.37 -2.93
C ASN A 4 1.67 -10.14 -1.53
N MET A 5 2.75 -9.39 -1.43
CA MET A 5 3.45 -9.16 -0.19
C MET A 5 2.60 -8.34 0.77
N PRO A 6 2.38 -8.84 1.99
CA PRO A 6 1.65 -8.11 3.04
C PRO A 6 2.48 -6.96 3.59
N ALA A 7 1.90 -5.78 3.64
CA ALA A 7 2.61 -4.60 4.09
C ALA A 7 1.78 -3.84 5.11
N TYR A 8 2.39 -3.55 6.24
CA TYR A 8 1.73 -2.81 7.30
C TYR A 8 1.76 -1.32 6.97
N VAL A 9 0.74 -0.59 7.37
CA VAL A 9 0.67 0.83 7.07
C VAL A 9 1.44 1.65 8.10
N LYS A 10 2.33 2.52 7.62
CA LYS A 10 3.16 3.35 8.47
C LYS A 10 2.38 4.54 9.02
N PHE A 11 1.76 5.31 8.15
CA PHE A 11 1.06 6.52 8.54
C PHE A 11 -0.32 6.59 7.90
N ASN A 12 -1.19 7.41 8.47
CA ASN A 12 -2.54 7.57 7.95
C ASN A 12 -2.51 8.30 6.60
N TYR A 13 -2.81 7.57 5.55
CA TYR A 13 -2.85 8.15 4.21
C TYR A 13 -4.28 8.10 3.69
N MET A 14 -4.96 9.23 3.78
CA MET A 14 -6.34 9.31 3.36
C MET A 14 -6.41 9.68 1.89
N ALA A 15 -6.63 8.67 1.06
CA ALA A 15 -6.67 8.84 -0.38
C ALA A 15 -7.97 9.51 -0.81
N GLU A 16 -7.91 10.28 -1.88
CA GLU A 16 -9.06 11.05 -2.33
C GLU A 16 -9.29 10.83 -3.82
N ARG A 17 -8.71 9.76 -4.34
CA ARG A 17 -8.82 9.41 -5.74
C ARG A 17 -9.11 7.92 -5.90
N GLU A 18 -9.86 7.57 -6.93
CA GLU A 18 -10.21 6.18 -7.22
C GLU A 18 -8.96 5.36 -7.57
N ASP A 19 -7.94 6.05 -8.06
CA ASP A 19 -6.70 5.40 -8.46
C ASP A 19 -5.70 5.36 -7.32
N GLU A 20 -6.09 5.91 -6.18
CA GLU A 20 -5.26 5.90 -4.99
C GLU A 20 -5.72 4.80 -4.03
N LEU A 21 -4.94 4.56 -3.01
CA LEU A 21 -5.30 3.62 -1.96
C LEU A 21 -5.15 4.28 -0.60
N SER A 22 -6.24 4.33 0.17
CA SER A 22 -6.19 4.94 1.48
C SER A 22 -5.62 3.97 2.49
N LEU A 23 -4.57 4.40 3.18
CA LEU A 23 -3.89 3.55 4.13
C LEU A 23 -4.14 4.03 5.55
N ILE A 24 -4.39 3.10 6.45
CA ILE A 24 -4.65 3.43 7.83
C ILE A 24 -3.54 2.92 8.71
N LYS A 25 -2.83 3.83 9.37
CA LYS A 25 -1.80 3.41 10.33
C LYS A 25 -2.40 2.43 11.32
N GLY A 26 -1.83 1.23 11.38
CA GLY A 26 -2.39 0.18 12.22
C GLY A 26 -2.93 -0.99 11.41
N THR A 27 -3.12 -0.80 10.11
CA THR A 27 -3.66 -1.85 9.27
C THR A 27 -2.58 -2.44 8.36
N LYS A 28 -2.99 -3.33 7.48
CA LYS A 28 -2.09 -4.01 6.55
C LYS A 28 -2.72 -4.11 5.16
N VAL A 29 -1.94 -3.83 4.13
CA VAL A 29 -2.43 -3.90 2.75
C VAL A 29 -1.68 -4.99 2.00
N ILE A 30 -2.23 -5.40 0.86
CA ILE A 30 -1.62 -6.43 0.03
C ILE A 30 -0.89 -5.79 -1.16
N VAL A 31 0.43 -5.87 -1.15
CA VAL A 31 1.23 -5.29 -2.21
C VAL A 31 1.57 -6.33 -3.28
N MET A 32 0.97 -6.17 -4.44
CA MET A 32 1.15 -7.12 -5.52
C MET A 32 2.24 -6.65 -6.48
N GLU A 33 1.99 -5.54 -7.16
CA GLU A 33 2.92 -5.04 -8.16
C GLU A 33 3.70 -3.85 -7.60
N LYS A 34 5.00 -3.85 -7.83
CA LYS A 34 5.86 -2.79 -7.30
C LYS A 34 6.85 -2.30 -8.34
N CYS A 35 7.02 -0.99 -8.39
CA CYS A 35 8.07 -0.38 -9.20
C CYS A 35 9.24 0.00 -8.29
N SER A 36 10.46 -0.15 -8.81
CA SER A 36 11.65 0.12 -8.00
C SER A 36 11.69 1.56 -7.54
N ASP A 37 11.22 2.46 -8.39
CA ASP A 37 11.13 3.87 -8.04
C ASP A 37 9.72 4.37 -8.34
N GLY A 38 9.18 5.15 -7.41
CA GLY A 38 7.82 5.63 -7.55
C GLY A 38 6.92 5.05 -6.47
N TRP A 39 5.63 4.99 -6.76
CA TRP A 39 4.67 4.44 -5.80
C TRP A 39 4.15 3.08 -6.27
N TRP A 40 3.61 2.32 -5.34
CA TRP A 40 3.21 0.94 -5.61
C TRP A 40 1.70 0.81 -5.72
N ARG A 41 1.26 -0.33 -6.24
CA ARG A 41 -0.17 -0.61 -6.38
C ARG A 41 -0.56 -1.80 -5.52
N GLY A 42 -1.42 -1.57 -4.55
CA GLY A 42 -1.81 -2.62 -3.64
C GLY A 42 -3.29 -2.60 -3.36
N SER A 43 -3.77 -3.61 -2.63
CA SER A 43 -5.17 -3.70 -2.28
C SER A 43 -5.36 -3.62 -0.77
N TYR A 44 -6.41 -2.92 -0.36
CA TYR A 44 -6.74 -2.78 1.04
C TYR A 44 -8.26 -2.85 1.20
N ASN A 45 -8.70 -3.38 2.33
CA ASN A 45 -10.13 -3.53 2.64
C ASN A 45 -10.95 -2.34 2.13
N GLY A 46 -11.66 -2.56 1.03
CA GLY A 46 -12.45 -1.50 0.43
C GLY A 46 -12.27 -1.43 -1.08
N GLN A 47 -11.01 -1.39 -1.53
CA GLN A 47 -10.69 -1.26 -2.94
C GLN A 47 -9.22 -1.59 -3.21
N VAL A 48 -8.77 -1.28 -4.41
CA VAL A 48 -7.38 -1.45 -4.80
C VAL A 48 -6.88 -0.14 -5.39
N GLY A 49 -5.57 0.05 -5.45
CA GLY A 49 -5.05 1.21 -6.12
C GLY A 49 -3.61 1.52 -5.73
N TRP A 50 -3.17 2.73 -6.04
CA TRP A 50 -1.77 3.11 -5.87
C TRP A 50 -1.57 3.85 -4.56
N PHE A 51 -0.43 3.58 -3.91
CA PHE A 51 -0.07 4.28 -2.70
C PHE A 51 1.44 4.54 -2.69
N PRO A 52 1.87 5.65 -2.09
CA PRO A 52 3.30 5.97 -1.98
C PRO A 52 4.05 4.93 -1.16
N SER A 53 5.19 4.49 -1.69
CA SER A 53 5.95 3.38 -1.12
C SER A 53 6.53 3.72 0.27
N ASN A 54 6.47 4.99 0.64
CA ASN A 54 7.05 5.44 1.91
C ASN A 54 6.06 5.29 3.06
N TYR A 55 4.84 4.85 2.76
CA TYR A 55 3.80 4.76 3.78
C TYR A 55 3.53 3.31 4.18
N VAL A 56 4.39 2.39 3.77
CA VAL A 56 4.17 0.97 4.07
C VAL A 56 5.40 0.29 4.67
N THR A 57 5.13 -0.72 5.48
CA THR A 57 6.12 -1.57 6.07
C THR A 57 5.95 -2.99 5.55
N GLU A 58 6.82 -3.40 4.62
CA GLU A 58 6.78 -4.76 4.13
C GLU A 58 7.21 -5.73 5.22
N GLU A 59 8.48 -5.67 5.56
CA GLU A 59 9.03 -6.54 6.59
C GLU A 59 10.43 -6.06 6.93
N GLY A 60 10.57 -5.37 8.05
CA GLY A 60 11.86 -4.85 8.45
C GLY A 60 11.83 -3.35 8.67
N ASP A 61 10.93 -2.90 9.53
CA ASP A 61 10.83 -1.48 9.86
C ASP A 61 11.27 -1.25 11.30
N GLY A 1 3.21 -14.13 -11.86
CA GLY A 1 3.68 -13.14 -10.86
C GLY A 1 2.57 -12.73 -9.90
N SER A 2 2.63 -13.26 -8.69
CA SER A 2 1.69 -12.87 -7.65
C SER A 2 2.39 -12.89 -6.30
N LEU A 3 3.10 -11.81 -6.00
CA LEU A 3 3.82 -11.68 -4.75
C LEU A 3 2.85 -11.57 -3.57
N ASN A 4 1.88 -10.66 -3.72
CA ASN A 4 0.90 -10.41 -2.67
C ASN A 4 1.58 -10.15 -1.33
N MET A 5 2.50 -9.19 -1.34
CA MET A 5 3.28 -8.88 -0.17
C MET A 5 2.48 -8.05 0.82
N PRO A 6 2.35 -8.54 2.06
CA PRO A 6 1.65 -7.83 3.11
C PRO A 6 2.50 -6.71 3.68
N ALA A 7 1.93 -5.51 3.74
CA ALA A 7 2.67 -4.36 4.23
C ALA A 7 1.84 -3.58 5.24
N TYR A 8 2.44 -3.33 6.39
CA TYR A 8 1.79 -2.60 7.46
C TYR A 8 1.85 -1.10 7.14
N VAL A 9 0.81 -0.37 7.50
CA VAL A 9 0.78 1.06 7.23
C VAL A 9 1.51 1.84 8.32
N LYS A 10 2.43 2.69 7.88
CA LYS A 10 3.24 3.51 8.78
C LYS A 10 2.45 4.71 9.30
N PHE A 11 1.88 5.47 8.37
CA PHE A 11 1.15 6.69 8.72
C PHE A 11 -0.18 6.74 7.99
N ASN A 12 -1.15 7.43 8.59
CA ASN A 12 -2.48 7.59 8.01
C ASN A 12 -2.37 8.35 6.69
N TYR A 13 -2.97 7.80 5.64
CA TYR A 13 -2.91 8.40 4.31
C TYR A 13 -4.28 8.41 3.67
N MET A 14 -4.92 9.57 3.67
CA MET A 14 -6.21 9.73 3.03
C MET A 14 -6.04 9.84 1.53
N ALA A 15 -6.63 8.90 0.82
CA ALA A 15 -6.64 8.93 -0.64
C ALA A 15 -8.06 9.12 -1.14
N GLU A 16 -8.35 10.33 -1.57
CA GLU A 16 -9.69 10.67 -2.04
C GLU A 16 -9.93 10.16 -3.45
N ARG A 17 -8.83 9.88 -4.16
CA ARG A 17 -8.90 9.48 -5.55
C ARG A 17 -9.14 7.98 -5.65
N GLU A 18 -10.02 7.59 -6.55
CA GLU A 18 -10.39 6.18 -6.73
C GLU A 18 -9.19 5.31 -7.11
N ASP A 19 -8.21 5.92 -7.79
CA ASP A 19 -7.03 5.19 -8.25
C ASP A 19 -5.95 5.15 -7.18
N GLU A 20 -6.12 5.96 -6.14
CA GLU A 20 -5.17 5.98 -5.04
C GLU A 20 -5.71 5.17 -3.86
N LEU A 21 -4.81 4.56 -3.12
CA LEU A 21 -5.20 3.63 -2.08
C LEU A 21 -5.01 4.26 -0.70
N SER A 22 -6.12 4.38 0.04
CA SER A 22 -6.11 4.97 1.37
C SER A 22 -5.44 4.05 2.38
N LEU A 23 -4.58 4.61 3.21
CA LEU A 23 -3.85 3.84 4.20
C LEU A 23 -4.22 4.27 5.61
N ILE A 24 -4.34 3.30 6.50
CA ILE A 24 -4.65 3.56 7.89
C ILE A 24 -3.53 3.03 8.78
N LYS A 25 -2.89 3.90 9.53
CA LYS A 25 -1.87 3.49 10.46
C LYS A 25 -2.46 2.45 11.42
N GLY A 26 -1.86 1.28 11.43
CA GLY A 26 -2.38 0.20 12.25
C GLY A 26 -2.90 -0.97 11.43
N THR A 27 -3.05 -0.76 10.13
CA THR A 27 -3.59 -1.81 9.26
C THR A 27 -2.52 -2.36 8.31
N LYS A 28 -2.90 -3.35 7.52
CA LYS A 28 -1.98 -4.01 6.60
C LYS A 28 -2.58 -4.07 5.19
N VAL A 29 -1.78 -3.71 4.18
CA VAL A 29 -2.24 -3.76 2.79
C VAL A 29 -1.56 -4.90 2.03
N ILE A 30 -2.06 -5.18 0.83
CA ILE A 30 -1.51 -6.25 0.01
C ILE A 30 -0.89 -5.69 -1.27
N VAL A 31 0.44 -5.72 -1.35
CA VAL A 31 1.12 -5.23 -2.54
C VAL A 31 1.29 -6.36 -3.55
N MET A 32 0.58 -6.27 -4.67
CA MET A 32 0.65 -7.29 -5.69
C MET A 32 1.61 -6.88 -6.80
N GLU A 33 1.74 -5.58 -7.02
CA GLU A 33 2.63 -5.07 -8.05
C GLU A 33 3.44 -3.90 -7.53
N LYS A 34 4.75 -4.01 -7.61
CA LYS A 34 5.64 -2.94 -7.18
C LYS A 34 6.26 -2.28 -8.41
N CYS A 35 6.47 -0.98 -8.34
CA CYS A 35 7.05 -0.26 -9.45
C CYS A 35 8.33 0.43 -9.02
N SER A 36 9.37 0.33 -9.85
CA SER A 36 10.64 0.97 -9.58
C SER A 36 10.55 2.47 -9.85
N ASP A 37 9.35 2.90 -10.23
CA ASP A 37 9.05 4.30 -10.47
C ASP A 37 9.07 5.09 -9.15
N GLY A 38 8.64 4.42 -8.08
CA GLY A 38 8.63 5.07 -6.78
C GLY A 38 7.60 4.47 -5.83
N TRP A 39 6.33 4.59 -6.19
CA TRP A 39 5.25 4.10 -5.34
C TRP A 39 4.69 2.78 -5.86
N TRP A 40 3.99 2.06 -5.00
CA TRP A 40 3.57 0.71 -5.31
C TRP A 40 2.07 0.63 -5.58
N ARG A 41 1.66 -0.53 -6.08
CA ARG A 41 0.27 -0.78 -6.43
C ARG A 41 -0.26 -1.94 -5.59
N GLY A 42 -1.12 -1.60 -4.62
CA GLY A 42 -1.60 -2.59 -3.69
C GLY A 42 -3.07 -2.43 -3.38
N SER A 43 -3.63 -3.40 -2.67
CA SER A 43 -5.05 -3.39 -2.32
C SER A 43 -5.24 -3.35 -0.81
N TYR A 44 -6.30 -2.65 -0.40
CA TYR A 44 -6.70 -2.57 1.00
C TYR A 44 -8.22 -2.41 1.09
N ASN A 45 -8.82 -3.06 2.08
CA ASN A 45 -10.28 -3.03 2.28
C ASN A 45 -11.01 -3.71 1.13
N GLY A 46 -11.25 -2.94 0.09
CA GLY A 46 -11.88 -3.45 -1.11
C GLY A 46 -11.46 -2.64 -2.32
N GLN A 47 -10.37 -1.91 -2.15
CA GLN A 47 -9.87 -1.02 -3.19
C GLN A 47 -8.42 -1.34 -3.48
N VAL A 48 -8.08 -1.47 -4.76
CA VAL A 48 -6.70 -1.60 -5.16
C VAL A 48 -6.26 -0.30 -5.80
N GLY A 49 -4.97 -0.05 -5.81
CA GLY A 49 -4.47 1.10 -6.51
C GLY A 49 -3.09 1.52 -6.04
N TRP A 50 -2.80 2.80 -6.18
CA TRP A 50 -1.46 3.30 -5.94
C TRP A 50 -1.33 3.93 -4.56
N PHE A 51 -0.23 3.62 -3.88
CA PHE A 51 0.09 4.25 -2.62
C PHE A 51 1.60 4.43 -2.51
N PRO A 52 2.05 5.50 -1.84
CA PRO A 52 3.47 5.75 -1.64
C PRO A 52 4.13 4.69 -0.76
N SER A 53 5.19 4.08 -1.27
CA SER A 53 5.91 3.02 -0.57
C SER A 53 6.59 3.56 0.70
N ASN A 54 6.64 4.88 0.81
CA ASN A 54 7.26 5.55 1.95
C ASN A 54 6.51 5.22 3.25
N TYR A 55 5.21 4.96 3.12
CA TYR A 55 4.35 4.83 4.30
C TYR A 55 3.97 3.38 4.60
N VAL A 56 4.79 2.42 4.17
CA VAL A 56 4.48 1.02 4.43
C VAL A 56 5.68 0.25 4.98
N THR A 57 5.36 -0.76 5.79
CA THR A 57 6.32 -1.64 6.41
C THR A 57 5.93 -3.09 6.17
N GLU A 58 6.66 -3.77 5.29
CA GLU A 58 6.30 -5.13 4.90
C GLU A 58 6.43 -6.11 6.07
N GLU A 59 7.66 -6.43 6.44
CA GLU A 59 7.91 -7.38 7.52
C GLU A 59 8.98 -6.84 8.46
N GLY A 60 8.96 -5.53 8.65
CA GLY A 60 9.88 -4.90 9.57
C GLY A 60 10.61 -3.71 8.96
N ASP A 61 10.52 -2.58 9.62
CA ASP A 61 11.21 -1.37 9.17
C ASP A 61 12.06 -0.83 10.31
N GLY A 1 1.54 -7.69 -11.64
CA GLY A 1 1.01 -7.86 -10.26
C GLY A 1 0.93 -9.31 -9.85
N SER A 2 2.08 -9.91 -9.54
CA SER A 2 2.12 -11.31 -9.14
C SER A 2 3.09 -11.53 -7.98
N LEU A 3 3.36 -10.46 -7.23
CA LEU A 3 4.21 -10.58 -6.05
C LEU A 3 3.36 -10.89 -4.83
N ASN A 4 2.37 -10.03 -4.58
CA ASN A 4 1.41 -10.22 -3.50
C ASN A 4 2.11 -10.29 -2.15
N MET A 5 2.68 -9.17 -1.74
CA MET A 5 3.45 -9.08 -0.51
C MET A 5 2.68 -8.28 0.53
N PRO A 6 2.50 -8.83 1.74
CA PRO A 6 1.81 -8.13 2.83
C PRO A 6 2.65 -7.01 3.42
N ALA A 7 2.05 -5.84 3.55
CA ALA A 7 2.76 -4.68 4.09
C ALA A 7 1.88 -3.91 5.07
N TYR A 8 2.46 -3.55 6.19
CA TYR A 8 1.74 -2.81 7.22
C TYR A 8 1.81 -1.32 6.92
N VAL A 9 0.72 -0.60 7.12
CA VAL A 9 0.68 0.82 6.82
C VAL A 9 1.37 1.64 7.91
N LYS A 10 2.20 2.58 7.48
CA LYS A 10 2.91 3.45 8.42
C LYS A 10 1.99 4.54 8.96
N PHE A 11 1.39 5.31 8.04
CA PHE A 11 0.58 6.46 8.44
C PHE A 11 -0.73 6.49 7.66
N ASN A 12 -1.70 7.24 8.17
CA ASN A 12 -2.98 7.37 7.52
C ASN A 12 -2.83 8.21 6.26
N TYR A 13 -3.03 7.60 5.11
CA TYR A 13 -2.91 8.28 3.84
C TYR A 13 -4.30 8.52 3.27
N MET A 14 -4.79 9.75 3.41
CA MET A 14 -6.12 10.10 2.93
C MET A 14 -6.13 10.23 1.43
N ALA A 15 -6.29 9.10 0.75
CA ALA A 15 -6.39 9.09 -0.69
C ALA A 15 -7.84 9.22 -1.11
N GLU A 16 -8.24 10.43 -1.46
CA GLU A 16 -9.61 10.70 -1.83
C GLU A 16 -9.81 10.58 -3.34
N ARG A 17 -8.73 10.21 -4.04
CA ARG A 17 -8.80 10.03 -5.47
C ARG A 17 -9.21 8.59 -5.81
N GLU A 18 -9.61 8.38 -7.04
CA GLU A 18 -10.18 7.11 -7.47
C GLU A 18 -9.12 6.00 -7.60
N ASP A 19 -7.92 6.35 -8.06
CA ASP A 19 -6.88 5.35 -8.31
C ASP A 19 -5.84 5.29 -7.20
N GLU A 20 -6.02 6.11 -6.17
CA GLU A 20 -5.16 6.07 -5.01
C GLU A 20 -5.80 5.26 -3.89
N LEU A 21 -4.99 4.64 -3.06
CA LEU A 21 -5.50 3.78 -2.00
C LEU A 21 -5.39 4.47 -0.65
N SER A 22 -6.53 4.70 -0.01
CA SER A 22 -6.57 5.30 1.31
C SER A 22 -6.01 4.35 2.37
N LEU A 23 -4.79 4.58 2.78
CA LEU A 23 -4.11 3.69 3.72
C LEU A 23 -4.42 4.09 5.16
N ILE A 24 -4.55 3.07 6.01
CA ILE A 24 -4.87 3.28 7.40
C ILE A 24 -3.71 2.84 8.27
N LYS A 25 -3.14 3.79 9.00
CA LYS A 25 -2.11 3.46 9.96
C LYS A 25 -2.60 2.39 10.93
N GLY A 26 -1.91 1.27 10.97
CA GLY A 26 -2.33 0.20 11.83
C GLY A 26 -2.81 -1.02 11.07
N THR A 27 -3.04 -0.88 9.77
CA THR A 27 -3.57 -1.98 8.97
C THR A 27 -2.50 -2.58 8.06
N LYS A 28 -2.90 -3.55 7.25
CA LYS A 28 -2.00 -4.23 6.34
C LYS A 28 -2.58 -4.28 4.93
N VAL A 29 -1.76 -4.02 3.93
CA VAL A 29 -2.20 -4.06 2.54
C VAL A 29 -1.48 -5.19 1.78
N ILE A 30 -2.02 -5.54 0.62
CA ILE A 30 -1.44 -6.58 -0.22
C ILE A 30 -0.76 -5.97 -1.43
N VAL A 31 0.56 -5.85 -1.39
CA VAL A 31 1.29 -5.27 -2.50
C VAL A 31 1.43 -6.29 -3.62
N MET A 32 0.59 -6.15 -4.63
CA MET A 32 0.57 -7.10 -5.73
C MET A 32 1.62 -6.76 -6.77
N GLU A 33 1.83 -5.47 -7.00
CA GLU A 33 2.73 -5.00 -8.04
C GLU A 33 3.58 -3.84 -7.52
N LYS A 34 4.87 -3.87 -7.80
CA LYS A 34 5.79 -2.87 -7.27
C LYS A 34 6.58 -2.18 -8.37
N CYS A 35 7.13 -1.03 -8.01
CA CYS A 35 8.09 -0.32 -8.83
C CYS A 35 9.22 0.13 -7.93
N SER A 36 10.45 0.08 -8.42
CA SER A 36 11.61 0.45 -7.62
C SER A 36 11.53 1.90 -7.15
N ASP A 37 11.04 2.77 -8.02
CA ASP A 37 10.92 4.18 -7.71
C ASP A 37 9.57 4.72 -8.16
N GLY A 38 8.74 5.12 -7.21
CA GLY A 38 7.45 5.68 -7.56
C GLY A 38 6.33 5.18 -6.67
N TRP A 39 5.34 4.55 -7.29
CA TRP A 39 4.15 4.10 -6.57
C TRP A 39 4.03 2.58 -6.62
N TRP A 40 3.40 2.02 -5.60
CA TRP A 40 3.11 0.59 -5.56
C TRP A 40 1.62 0.36 -5.72
N ARG A 41 1.26 -0.67 -6.46
CA ARG A 41 -0.14 -1.01 -6.65
C ARG A 41 -0.51 -2.18 -5.74
N GLY A 42 -1.27 -1.87 -4.70
CA GLY A 42 -1.63 -2.87 -3.73
C GLY A 42 -3.12 -2.93 -3.51
N SER A 43 -3.56 -3.92 -2.75
CA SER A 43 -4.96 -4.09 -2.43
C SER A 43 -5.19 -4.09 -0.92
N TYR A 44 -6.25 -3.43 -0.50
CA TYR A 44 -6.58 -3.35 0.91
C TYR A 44 -8.07 -3.64 1.07
N ASN A 45 -8.45 -4.24 2.20
CA ASN A 45 -9.85 -4.55 2.44
C ASN A 45 -10.69 -3.28 2.42
N GLY A 46 -11.39 -3.06 1.32
CA GLY A 46 -12.21 -1.89 1.18
C GLY A 46 -11.80 -1.01 0.01
N GLN A 47 -10.49 -0.90 -0.23
CA GLN A 47 -9.97 -0.01 -1.27
C GLN A 47 -8.76 -0.63 -1.97
N VAL A 48 -8.57 -0.30 -3.23
CA VAL A 48 -7.46 -0.85 -3.99
C VAL A 48 -6.84 0.27 -4.84
N GLY A 49 -5.57 0.13 -5.20
CA GLY A 49 -4.96 1.11 -6.07
C GLY A 49 -3.52 1.38 -5.74
N TRP A 50 -3.08 2.60 -6.01
CA TRP A 50 -1.68 2.98 -5.83
C TRP A 50 -1.45 3.65 -4.48
N PHE A 51 -0.29 3.38 -3.91
CA PHE A 51 0.12 4.02 -2.66
C PHE A 51 1.63 4.26 -2.67
N PRO A 52 2.10 5.29 -1.95
CA PRO A 52 3.53 5.61 -1.85
C PRO A 52 4.29 4.59 -1.02
N SER A 53 5.43 4.15 -1.54
CA SER A 53 6.24 3.10 -0.91
C SER A 53 6.83 3.55 0.44
N ASN A 54 6.90 4.86 0.66
CA ASN A 54 7.48 5.39 1.89
C ASN A 54 6.50 5.28 3.06
N TYR A 55 5.27 4.86 2.79
CA TYR A 55 4.26 4.82 3.83
C TYR A 55 3.83 3.39 4.16
N VAL A 56 4.66 2.43 3.80
CA VAL A 56 4.39 1.04 4.16
C VAL A 56 5.59 0.38 4.82
N THR A 57 5.29 -0.55 5.70
CA THR A 57 6.29 -1.36 6.38
C THR A 57 5.96 -2.84 6.20
N GLU A 58 6.68 -3.49 5.31
CA GLU A 58 6.43 -4.90 5.02
C GLU A 58 7.00 -5.76 6.14
N GLU A 59 8.32 -5.89 6.14
CA GLU A 59 9.04 -6.53 7.22
C GLU A 59 10.48 -6.07 7.19
N GLY A 60 10.77 -5.06 7.97
CA GLY A 60 12.05 -4.38 7.89
C GLY A 60 11.91 -3.06 7.20
N ASP A 61 12.50 -2.03 7.77
CA ASP A 61 12.37 -0.68 7.25
C ASP A 61 13.62 0.13 7.61
N GLY A 1 5.37 -15.19 -10.76
CA GLY A 1 5.77 -13.80 -11.10
C GLY A 1 4.82 -12.78 -10.53
N SER A 2 4.70 -12.76 -9.22
CA SER A 2 3.87 -11.79 -8.53
C SER A 2 4.25 -11.76 -7.05
N LEU A 3 4.18 -10.58 -6.44
CA LEU A 3 4.56 -10.43 -5.05
C LEU A 3 3.44 -10.87 -4.11
N ASN A 4 2.31 -10.18 -4.17
CA ASN A 4 1.17 -10.45 -3.29
C ASN A 4 1.59 -10.35 -1.83
N MET A 5 2.55 -9.48 -1.58
CA MET A 5 3.18 -9.37 -0.28
C MET A 5 2.42 -8.41 0.62
N PRO A 6 1.99 -8.90 1.79
CA PRO A 6 1.31 -8.06 2.79
C PRO A 6 2.27 -7.06 3.43
N ALA A 7 1.83 -5.82 3.56
CA ALA A 7 2.66 -4.77 4.11
C ALA A 7 1.88 -3.97 5.14
N TYR A 8 2.54 -3.64 6.23
CA TYR A 8 1.90 -2.92 7.32
C TYR A 8 2.07 -1.42 7.13
N VAL A 9 1.00 -0.68 7.32
CA VAL A 9 1.01 0.75 7.09
C VAL A 9 1.70 1.50 8.24
N LYS A 10 2.56 2.43 7.87
CA LYS A 10 3.31 3.22 8.85
C LYS A 10 2.49 4.41 9.35
N PHE A 11 1.91 5.17 8.43
CA PHE A 11 1.19 6.39 8.77
C PHE A 11 -0.09 6.51 7.94
N ASN A 12 -1.01 7.35 8.41
CA ASN A 12 -2.31 7.52 7.75
C ASN A 12 -2.18 8.32 6.46
N TYR A 13 -2.60 7.71 5.37
CA TYR A 13 -2.56 8.36 4.07
C TYR A 13 -3.97 8.50 3.51
N MET A 14 -4.37 9.72 3.22
CA MET A 14 -5.69 9.99 2.69
C MET A 14 -5.67 10.01 1.17
N ALA A 15 -6.47 9.12 0.57
CA ALA A 15 -6.55 9.04 -0.87
C ALA A 15 -7.73 9.87 -1.38
N GLU A 16 -7.64 10.30 -2.64
CA GLU A 16 -8.71 11.07 -3.26
C GLU A 16 -9.10 10.47 -4.60
N ARG A 17 -8.08 10.14 -5.40
CA ARG A 17 -8.29 9.63 -6.75
C ARG A 17 -8.84 8.22 -6.73
N GLU A 18 -9.43 7.83 -7.85
CA GLU A 18 -10.05 6.53 -8.02
C GLU A 18 -9.01 5.42 -8.01
N ASP A 19 -7.78 5.78 -8.36
CA ASP A 19 -6.68 4.82 -8.40
C ASP A 19 -5.77 5.00 -7.20
N GLU A 20 -6.21 5.80 -6.23
CA GLU A 20 -5.46 5.97 -5.00
C GLU A 20 -5.95 5.01 -3.93
N LEU A 21 -5.06 4.65 -3.02
CA LEU A 21 -5.40 3.73 -1.95
C LEU A 21 -5.07 4.35 -0.59
N SER A 22 -6.10 4.51 0.24
CA SER A 22 -5.94 5.11 1.56
C SER A 22 -5.28 4.14 2.54
N LEU A 23 -4.44 4.67 3.42
CA LEU A 23 -3.67 3.85 4.35
C LEU A 23 -3.93 4.28 5.79
N ILE A 24 -3.90 3.31 6.70
CA ILE A 24 -4.12 3.56 8.12
C ILE A 24 -2.99 2.98 8.93
N LYS A 25 -2.35 3.82 9.73
CA LYS A 25 -1.32 3.34 10.64
C LYS A 25 -1.87 2.21 11.49
N GLY A 26 -1.25 1.05 11.41
CA GLY A 26 -1.73 -0.09 12.16
C GLY A 26 -2.31 -1.18 11.29
N THR A 27 -2.72 -0.82 10.08
CA THR A 27 -3.37 -1.78 9.18
C THR A 27 -2.37 -2.43 8.23
N LYS A 28 -2.87 -3.33 7.40
CA LYS A 28 -2.04 -4.09 6.50
C LYS A 28 -2.66 -4.10 5.09
N VAL A 29 -1.83 -3.81 4.10
CA VAL A 29 -2.28 -3.81 2.71
C VAL A 29 -1.64 -4.96 1.94
N ILE A 30 -2.15 -5.25 0.76
CA ILE A 30 -1.61 -6.32 -0.07
C ILE A 30 -0.83 -5.73 -1.25
N VAL A 31 0.50 -5.82 -1.19
CA VAL A 31 1.33 -5.32 -2.27
C VAL A 31 1.47 -6.36 -3.37
N MET A 32 0.74 -6.17 -4.45
CA MET A 32 0.78 -7.11 -5.56
C MET A 32 1.95 -6.80 -6.48
N GLU A 33 2.16 -5.51 -6.74
CA GLU A 33 3.22 -5.08 -7.64
C GLU A 33 3.94 -3.87 -7.05
N LYS A 34 5.22 -3.74 -7.40
CA LYS A 34 6.04 -2.66 -6.90
C LYS A 34 6.78 -1.97 -8.05
N CYS A 35 6.49 -0.70 -8.25
CA CYS A 35 7.16 0.07 -9.28
C CYS A 35 8.34 0.84 -8.68
N SER A 36 9.31 1.18 -9.51
CA SER A 36 10.54 1.80 -9.06
C SER A 36 10.41 3.31 -8.88
N ASP A 37 9.25 3.87 -9.23
CA ASP A 37 9.07 5.32 -9.17
C ASP A 37 8.71 5.78 -7.75
N GLY A 38 7.95 4.96 -7.05
CA GLY A 38 7.51 5.32 -5.72
C GLY A 38 6.13 4.81 -5.41
N TRP A 39 5.26 4.79 -6.42
CA TRP A 39 3.91 4.25 -6.27
C TRP A 39 3.93 2.72 -6.30
N TRP A 40 3.36 2.13 -5.27
CA TRP A 40 3.20 0.68 -5.23
C TRP A 40 1.74 0.30 -5.46
N ARG A 41 1.55 -0.83 -6.11
CA ARG A 41 0.22 -1.28 -6.49
C ARG A 41 -0.31 -2.27 -5.46
N GLY A 42 -1.27 -1.83 -4.64
CA GLY A 42 -1.72 -2.65 -3.55
C GLY A 42 -3.22 -2.59 -3.35
N SER A 43 -3.71 -3.48 -2.49
CA SER A 43 -5.14 -3.56 -2.19
C SER A 43 -5.37 -3.44 -0.69
N TYR A 44 -6.48 -2.80 -0.31
CA TYR A 44 -6.81 -2.62 1.10
C TYR A 44 -8.32 -2.52 1.30
N ASN A 45 -8.82 -3.26 2.31
CA ASN A 45 -10.24 -3.24 2.70
C ASN A 45 -11.13 -3.80 1.60
N GLY A 46 -11.52 -2.93 0.69
CA GLY A 46 -12.38 -3.33 -0.41
C GLY A 46 -12.15 -2.49 -1.65
N GLN A 47 -10.99 -1.87 -1.72
CA GLN A 47 -10.65 -1.05 -2.87
C GLN A 47 -9.17 -1.25 -3.20
N VAL A 48 -8.83 -1.10 -4.47
CA VAL A 48 -7.46 -1.33 -4.91
C VAL A 48 -6.90 -0.07 -5.56
N GLY A 49 -5.59 -0.01 -5.71
CA GLY A 49 -4.99 1.11 -6.41
C GLY A 49 -3.53 1.30 -6.06
N TRP A 50 -3.09 2.54 -6.04
CA TRP A 50 -1.70 2.87 -5.81
C TRP A 50 -1.53 3.59 -4.47
N PHE A 51 -0.44 3.31 -3.78
CA PHE A 51 -0.14 3.96 -2.53
C PHE A 51 1.36 4.30 -2.46
N PRO A 52 1.75 5.31 -1.68
CA PRO A 52 3.15 5.70 -1.52
C PRO A 52 3.95 4.67 -0.71
N SER A 53 5.09 4.27 -1.25
CA SER A 53 5.93 3.23 -0.66
C SER A 53 6.47 3.63 0.72
N ASN A 54 6.59 4.93 0.94
CA ASN A 54 7.14 5.46 2.20
C ASN A 54 6.24 5.06 3.37
N TYR A 55 4.95 4.91 3.10
CA TYR A 55 3.96 4.73 4.16
C TYR A 55 3.74 3.26 4.52
N VAL A 56 4.58 2.35 4.03
CA VAL A 56 4.39 0.94 4.32
C VAL A 56 5.69 0.24 4.74
N THR A 57 5.54 -0.77 5.57
CA THR A 57 6.62 -1.64 5.98
C THR A 57 6.27 -3.08 5.62
N GLU A 58 7.19 -3.78 4.97
CA GLU A 58 6.96 -5.16 4.56
C GLU A 58 6.70 -6.04 5.78
N GLU A 59 7.75 -6.27 6.56
CA GLU A 59 7.64 -7.00 7.81
C GLU A 59 8.86 -6.68 8.68
N GLY A 60 9.41 -5.50 8.43
CA GLY A 60 10.62 -5.08 9.12
C GLY A 60 11.22 -3.88 8.41
N ASP A 61 11.19 -3.94 7.08
CA ASP A 61 11.60 -2.82 6.24
C ASP A 61 10.37 -2.00 5.89
N GLY A 1 2.15 -13.67 -13.04
CA GLY A 1 1.48 -13.53 -11.73
C GLY A 1 1.98 -12.32 -10.96
N SER A 2 1.70 -12.29 -9.67
CA SER A 2 2.10 -11.20 -8.81
C SER A 2 2.77 -11.75 -7.56
N LEU A 3 3.30 -10.85 -6.73
CA LEU A 3 3.95 -11.27 -5.49
C LEU A 3 2.95 -11.32 -4.35
N ASN A 4 2.10 -10.29 -4.26
CA ASN A 4 1.09 -10.20 -3.20
C ASN A 4 1.74 -10.20 -1.82
N MET A 5 2.45 -9.12 -1.53
CA MET A 5 3.18 -9.01 -0.27
C MET A 5 2.42 -8.12 0.71
N PRO A 6 2.03 -8.66 1.86
CA PRO A 6 1.39 -7.88 2.92
C PRO A 6 2.31 -6.80 3.48
N ALA A 7 1.80 -5.58 3.60
CA ALA A 7 2.57 -4.47 4.12
C ALA A 7 1.75 -3.70 5.16
N TYR A 8 2.36 -3.46 6.30
CA TYR A 8 1.72 -2.76 7.39
C TYR A 8 1.81 -1.25 7.14
N VAL A 9 0.69 -0.55 7.26
CA VAL A 9 0.68 0.89 7.02
C VAL A 9 1.32 1.64 8.18
N LYS A 10 2.25 2.52 7.86
CA LYS A 10 2.98 3.29 8.86
C LYS A 10 2.28 4.61 9.16
N PHE A 11 1.76 5.26 8.13
CA PHE A 11 1.16 6.58 8.29
C PHE A 11 -0.16 6.69 7.55
N ASN A 12 -1.04 7.55 8.04
CA ASN A 12 -2.34 7.75 7.43
C ASN A 12 -2.21 8.53 6.12
N TYR A 13 -2.21 7.81 5.01
CA TYR A 13 -2.20 8.45 3.71
C TYR A 13 -3.63 8.69 3.25
N MET A 14 -4.08 9.93 3.36
CA MET A 14 -5.43 10.29 2.99
C MET A 14 -5.52 10.48 1.48
N ALA A 15 -5.89 9.42 0.80
CA ALA A 15 -6.04 9.44 -0.65
C ALA A 15 -7.34 10.13 -1.03
N GLU A 16 -7.38 10.67 -2.25
CA GLU A 16 -8.57 11.37 -2.72
C GLU A 16 -9.16 10.66 -3.93
N ARG A 17 -8.31 10.34 -4.90
CA ARG A 17 -8.74 9.65 -6.11
C ARG A 17 -9.01 8.18 -5.79
N GLU A 18 -9.98 7.60 -6.49
CA GLU A 18 -10.36 6.21 -6.24
C GLU A 18 -9.30 5.25 -6.77
N ASP A 19 -8.37 5.76 -7.56
CA ASP A 19 -7.26 4.95 -8.06
C ASP A 19 -6.05 5.08 -7.13
N GLU A 20 -6.21 5.90 -6.10
CA GLU A 20 -5.25 6.00 -5.01
C GLU A 20 -5.62 4.98 -3.94
N LEU A 21 -4.74 4.79 -2.97
CA LEU A 21 -5.03 3.88 -1.87
C LEU A 21 -4.93 4.62 -0.54
N SER A 22 -6.07 4.81 0.12
CA SER A 22 -6.10 5.44 1.43
C SER A 22 -5.54 4.50 2.49
N LEU A 23 -4.46 4.92 3.13
CA LEU A 23 -3.77 4.06 4.09
C LEU A 23 -4.06 4.49 5.52
N ILE A 24 -4.15 3.53 6.41
CA ILE A 24 -4.44 3.78 7.81
C ILE A 24 -3.36 3.16 8.68
N LYS A 25 -2.69 3.98 9.47
CA LYS A 25 -1.70 3.49 10.41
C LYS A 25 -2.35 2.45 11.32
N GLY A 26 -1.82 1.24 11.31
CA GLY A 26 -2.44 0.18 12.07
C GLY A 26 -3.03 -0.90 11.20
N THR A 27 -3.17 -0.63 9.91
CA THR A 27 -3.75 -1.59 8.98
C THR A 27 -2.69 -2.22 8.09
N LYS A 28 -3.13 -3.03 7.14
CA LYS A 28 -2.21 -3.78 6.29
C LYS A 28 -2.75 -3.88 4.87
N VAL A 29 -1.89 -3.65 3.88
CA VAL A 29 -2.30 -3.73 2.49
C VAL A 29 -1.59 -4.90 1.79
N ILE A 30 -2.09 -5.29 0.64
CA ILE A 30 -1.48 -6.37 -0.13
C ILE A 30 -0.79 -5.81 -1.37
N VAL A 31 0.53 -5.74 -1.34
CA VAL A 31 1.30 -5.21 -2.47
C VAL A 31 1.47 -6.28 -3.53
N MET A 32 0.66 -6.21 -4.58
CA MET A 32 0.70 -7.19 -5.65
C MET A 32 1.77 -6.82 -6.68
N GLU A 33 1.86 -5.53 -6.97
CA GLU A 33 2.76 -5.04 -8.00
C GLU A 33 3.52 -3.82 -7.48
N LYS A 34 4.80 -3.72 -7.82
CA LYS A 34 5.63 -2.64 -7.33
C LYS A 34 6.30 -1.90 -8.49
N CYS A 35 6.55 -0.61 -8.29
CA CYS A 35 7.28 0.19 -9.27
C CYS A 35 8.50 0.81 -8.62
N SER A 36 9.55 1.02 -9.40
CA SER A 36 10.80 1.57 -8.89
C SER A 36 10.72 3.08 -8.73
N ASP A 37 9.56 3.65 -9.03
CA ASP A 37 9.39 5.10 -8.98
C ASP A 37 8.77 5.53 -7.64
N GLY A 38 8.53 4.57 -6.76
CA GLY A 38 8.01 4.88 -5.44
C GLY A 38 6.58 4.44 -5.24
N TRP A 39 5.86 4.28 -6.35
CA TRP A 39 4.46 3.87 -6.28
C TRP A 39 4.32 2.36 -6.27
N TRP A 40 3.56 1.86 -5.32
CA TRP A 40 3.24 0.44 -5.24
C TRP A 40 1.74 0.24 -5.40
N ARG A 41 1.36 -0.81 -6.11
CA ARG A 41 -0.05 -1.10 -6.31
C ARG A 41 -0.50 -2.13 -5.29
N GLY A 42 -1.24 -1.69 -4.30
CA GLY A 42 -1.66 -2.57 -3.24
C GLY A 42 -3.16 -2.65 -3.13
N SER A 43 -3.64 -3.73 -2.52
CA SER A 43 -5.06 -3.90 -2.28
C SER A 43 -5.33 -3.75 -0.79
N TYR A 44 -6.44 -3.11 -0.44
CA TYR A 44 -6.77 -2.86 0.95
C TYR A 44 -8.24 -3.15 1.20
N ASN A 45 -8.48 -4.24 1.94
CA ASN A 45 -9.84 -4.65 2.36
C ASN A 45 -10.71 -5.02 1.16
N GLY A 46 -11.25 -4.01 0.52
CA GLY A 46 -12.09 -4.23 -0.64
C GLY A 46 -11.67 -3.39 -1.83
N GLN A 47 -10.88 -2.35 -1.57
CA GLN A 47 -10.41 -1.46 -2.63
C GLN A 47 -9.00 -1.83 -3.04
N VAL A 48 -8.57 -1.30 -4.18
CA VAL A 48 -7.22 -1.47 -4.65
C VAL A 48 -6.73 -0.14 -5.22
N GLY A 49 -5.43 0.02 -5.36
CA GLY A 49 -4.92 1.21 -6.02
C GLY A 49 -3.46 1.46 -5.74
N TRP A 50 -3.02 2.69 -5.98
CA TRP A 50 -1.62 3.04 -5.88
C TRP A 50 -1.34 3.80 -4.59
N PHE A 51 -0.23 3.46 -3.94
CA PHE A 51 0.20 4.17 -2.75
C PHE A 51 1.72 4.32 -2.76
N PRO A 52 2.24 5.38 -2.13
CA PRO A 52 3.68 5.58 -1.97
C PRO A 52 4.27 4.60 -0.96
N SER A 53 5.31 3.88 -1.38
CA SER A 53 5.94 2.85 -0.56
C SER A 53 6.41 3.37 0.80
N ASN A 54 6.69 4.66 0.87
CA ASN A 54 7.17 5.30 2.11
C ASN A 54 6.22 5.05 3.28
N TYR A 55 4.92 4.95 3.00
CA TYR A 55 3.93 4.90 4.06
C TYR A 55 3.64 3.46 4.53
N VAL A 56 4.41 2.48 4.06
CA VAL A 56 4.19 1.09 4.49
C VAL A 56 5.46 0.44 5.01
N THR A 57 5.27 -0.66 5.72
CA THR A 57 6.33 -1.51 6.21
C THR A 57 6.02 -2.96 5.86
N GLU A 58 6.88 -3.58 5.07
CA GLU A 58 6.65 -4.96 4.62
C GLU A 58 6.70 -5.93 5.79
N GLU A 59 7.90 -6.41 6.12
CA GLU A 59 8.08 -7.37 7.20
C GLU A 59 9.41 -7.13 7.89
N GLY A 60 9.41 -6.40 8.99
CA GLY A 60 10.63 -6.21 9.72
C GLY A 60 10.51 -5.25 10.89
N ASP A 61 10.52 -5.79 12.10
CA ASP A 61 10.62 -5.00 13.31
C ASP A 61 11.04 -5.89 14.46
N GLY A 1 3.60 -17.12 -6.30
CA GLY A 1 2.87 -16.11 -5.47
C GLY A 1 3.82 -15.09 -4.89
N SER A 2 4.13 -14.05 -5.64
CA SER A 2 5.02 -13.01 -5.18
C SER A 2 4.37 -11.63 -5.32
N LEU A 3 3.17 -11.62 -5.87
CA LEU A 3 2.41 -10.39 -6.06
C LEU A 3 1.21 -10.37 -5.10
N ASN A 4 1.51 -10.30 -3.81
CA ASN A 4 0.49 -10.38 -2.77
C ASN A 4 1.12 -10.15 -1.40
N MET A 5 2.16 -9.33 -1.37
CA MET A 5 2.97 -9.12 -0.16
C MET A 5 2.21 -8.29 0.87
N PRO A 6 1.98 -8.85 2.06
CA PRO A 6 1.36 -8.11 3.16
C PRO A 6 2.28 -7.04 3.73
N ALA A 7 1.76 -5.83 3.87
CA ALA A 7 2.55 -4.72 4.39
C ALA A 7 1.75 -3.91 5.39
N TYR A 8 2.38 -3.57 6.49
CA TYR A 8 1.73 -2.85 7.57
C TYR A 8 1.91 -1.34 7.38
N VAL A 9 0.80 -0.60 7.43
CA VAL A 9 0.83 0.83 7.14
C VAL A 9 1.63 1.61 8.18
N LYS A 10 2.50 2.49 7.69
CA LYS A 10 3.33 3.34 8.55
C LYS A 10 2.49 4.46 9.15
N PHE A 11 1.88 5.27 8.28
CA PHE A 11 1.15 6.45 8.71
C PHE A 11 -0.16 6.58 7.94
N ASN A 12 -1.06 7.41 8.45
CA ASN A 12 -2.37 7.59 7.84
C ASN A 12 -2.27 8.33 6.52
N TYR A 13 -2.32 7.60 5.42
CA TYR A 13 -2.32 8.21 4.11
C TYR A 13 -3.73 8.21 3.54
N MET A 14 -4.39 9.34 3.63
CA MET A 14 -5.77 9.45 3.16
C MET A 14 -5.78 9.74 1.65
N ALA A 15 -6.06 8.71 0.88
CA ALA A 15 -6.17 8.83 -0.56
C ALA A 15 -7.54 9.36 -0.95
N GLU A 16 -7.65 9.94 -2.14
CA GLU A 16 -8.90 10.53 -2.57
C GLU A 16 -9.25 10.10 -3.99
N ARG A 17 -8.24 9.88 -4.81
CA ARG A 17 -8.46 9.48 -6.19
C ARG A 17 -8.77 8.00 -6.30
N GLU A 18 -9.48 7.66 -7.36
CA GLU A 18 -9.85 6.28 -7.66
C GLU A 18 -8.61 5.42 -7.90
N ASP A 19 -7.58 6.03 -8.48
CA ASP A 19 -6.34 5.34 -8.79
C ASP A 19 -5.37 5.37 -7.60
N GLU A 20 -5.87 5.83 -6.46
CA GLU A 20 -5.06 5.86 -5.24
C GLU A 20 -5.53 4.80 -4.27
N LEU A 21 -4.68 4.49 -3.29
CA LEU A 21 -5.01 3.51 -2.27
C LEU A 21 -4.80 4.12 -0.90
N SER A 22 -5.85 4.17 -0.10
CA SER A 22 -5.81 4.82 1.20
C SER A 22 -5.21 3.91 2.25
N LEU A 23 -4.42 4.48 3.15
CA LEU A 23 -3.73 3.71 4.17
C LEU A 23 -4.11 4.20 5.57
N ILE A 24 -4.20 3.26 6.50
CA ILE A 24 -4.52 3.56 7.88
C ILE A 24 -3.43 3.02 8.79
N LYS A 25 -2.85 3.88 9.59
CA LYS A 25 -1.84 3.45 10.53
C LYS A 25 -2.42 2.37 11.44
N GLY A 26 -1.81 1.21 11.42
CA GLY A 26 -2.33 0.10 12.18
C GLY A 26 -2.82 -1.04 11.30
N THR A 27 -3.21 -0.72 10.08
CA THR A 27 -3.78 -1.73 9.18
C THR A 27 -2.72 -2.34 8.27
N LYS A 28 -3.11 -3.39 7.57
CA LYS A 28 -2.21 -4.11 6.68
C LYS A 28 -2.78 -4.13 5.25
N VAL A 29 -1.92 -3.84 4.27
CA VAL A 29 -2.35 -3.83 2.88
C VAL A 29 -1.71 -4.98 2.12
N ILE A 30 -2.14 -5.19 0.88
CA ILE A 30 -1.60 -6.25 0.04
C ILE A 30 -0.86 -5.64 -1.16
N VAL A 31 0.46 -5.72 -1.16
CA VAL A 31 1.24 -5.19 -2.27
C VAL A 31 1.37 -6.23 -3.37
N MET A 32 0.81 -5.95 -4.52
CA MET A 32 0.93 -6.86 -5.65
C MET A 32 2.10 -6.46 -6.54
N GLU A 33 1.93 -5.36 -7.26
CA GLU A 33 2.97 -4.87 -8.15
C GLU A 33 3.67 -3.66 -7.55
N LYS A 34 4.98 -3.63 -7.69
CA LYS A 34 5.77 -2.52 -7.17
C LYS A 34 6.44 -1.77 -8.32
N CYS A 35 6.06 -0.52 -8.53
CA CYS A 35 6.68 0.29 -9.56
C CYS A 35 7.92 0.97 -8.96
N SER A 36 8.99 1.01 -9.73
CA SER A 36 10.27 1.52 -9.24
C SER A 36 10.24 3.04 -9.09
N ASP A 37 9.10 3.64 -9.40
CA ASP A 37 8.97 5.09 -9.44
C ASP A 37 8.32 5.62 -8.16
N GLY A 38 8.18 4.77 -7.17
CA GLY A 38 7.68 5.20 -5.88
C GLY A 38 6.28 4.71 -5.58
N TRP A 39 5.50 4.47 -6.62
CA TRP A 39 4.12 4.03 -6.47
C TRP A 39 4.04 2.51 -6.43
N TRP A 40 3.39 1.99 -5.39
CA TRP A 40 3.16 0.56 -5.27
C TRP A 40 1.68 0.27 -5.41
N ARG A 41 1.34 -0.77 -6.16
CA ARG A 41 -0.05 -1.13 -6.38
C ARG A 41 -0.49 -2.09 -5.28
N GLY A 42 -1.29 -1.59 -4.36
CA GLY A 42 -1.72 -2.40 -3.25
C GLY A 42 -3.22 -2.45 -3.10
N SER A 43 -3.71 -3.49 -2.48
CA SER A 43 -5.13 -3.63 -2.23
C SER A 43 -5.41 -3.53 -0.74
N TYR A 44 -6.39 -2.73 -0.36
CA TYR A 44 -6.72 -2.51 1.04
C TYR A 44 -8.23 -2.43 1.24
N ASN A 45 -8.73 -3.08 2.30
CA ASN A 45 -10.15 -3.08 2.65
C ASN A 45 -10.98 -3.75 1.55
N GLY A 46 -11.39 -2.95 0.59
CA GLY A 46 -12.14 -3.45 -0.53
C GLY A 46 -11.84 -2.68 -1.79
N GLN A 47 -10.81 -1.86 -1.73
CA GLN A 47 -10.42 -1.02 -2.85
C GLN A 47 -8.96 -1.27 -3.19
N VAL A 48 -8.60 -1.02 -4.44
CA VAL A 48 -7.22 -1.22 -4.88
C VAL A 48 -6.70 0.08 -5.50
N GLY A 49 -5.39 0.17 -5.66
CA GLY A 49 -4.83 1.32 -6.32
C GLY A 49 -3.36 1.50 -6.01
N TRP A 50 -2.88 2.72 -6.12
CA TRP A 50 -1.47 2.99 -5.92
C TRP A 50 -1.24 3.79 -4.63
N PHE A 51 -0.26 3.35 -3.86
CA PHE A 51 0.12 4.05 -2.64
C PHE A 51 1.63 4.32 -2.65
N PRO A 52 2.09 5.35 -1.93
CA PRO A 52 3.51 5.67 -1.82
C PRO A 52 4.24 4.67 -0.93
N SER A 53 5.38 4.19 -1.43
CA SER A 53 6.20 3.20 -0.72
C SER A 53 6.64 3.67 0.68
N ASN A 54 6.65 4.99 0.89
CA ASN A 54 7.14 5.56 2.15
C ASN A 54 6.08 5.47 3.25
N TYR A 55 5.06 4.66 3.07
CA TYR A 55 4.00 4.54 4.06
C TYR A 55 3.68 3.09 4.39
N VAL A 56 4.60 2.16 4.08
CA VAL A 56 4.37 0.76 4.40
C VAL A 56 5.60 0.09 5.01
N THR A 57 5.33 -0.69 6.05
CA THR A 57 6.31 -1.58 6.66
C THR A 57 5.97 -3.01 6.30
N GLU A 58 6.76 -3.60 5.41
CA GLU A 58 6.52 -4.99 5.01
C GLU A 58 6.96 -5.93 6.12
N GLU A 59 8.27 -6.04 6.33
CA GLU A 59 8.80 -6.82 7.42
C GLU A 59 10.21 -6.35 7.75
N GLY A 60 10.31 -5.53 8.77
CA GLY A 60 11.58 -5.00 9.20
C GLY A 60 11.71 -3.52 8.93
N ASP A 61 11.40 -3.13 7.69
CA ASP A 61 11.52 -1.73 7.29
C ASP A 61 10.14 -1.11 7.05
N GLY A 1 9.01 -14.20 -5.69
CA GLY A 1 8.00 -14.84 -4.80
C GLY A 1 7.21 -13.84 -3.99
N SER A 2 7.82 -12.70 -3.71
CA SER A 2 7.20 -11.69 -2.85
C SER A 2 6.15 -10.86 -3.59
N LEU A 3 5.24 -11.54 -4.26
CA LEU A 3 4.11 -10.90 -4.91
C LEU A 3 2.89 -11.00 -4.02
N ASN A 4 2.06 -9.96 -4.02
CA ASN A 4 0.92 -9.87 -3.10
C ASN A 4 1.41 -9.82 -1.67
N MET A 5 2.44 -9.01 -1.45
CA MET A 5 3.12 -8.93 -0.16
C MET A 5 2.29 -8.15 0.84
N PRO A 6 1.90 -8.78 1.95
CA PRO A 6 1.18 -8.11 3.02
C PRO A 6 2.11 -7.25 3.85
N ALA A 7 1.76 -5.98 3.99
CA ALA A 7 2.61 -5.03 4.69
C ALA A 7 1.77 -4.07 5.52
N TYR A 8 2.31 -3.68 6.66
CA TYR A 8 1.59 -2.86 7.63
C TYR A 8 1.75 -1.38 7.31
N VAL A 9 0.66 -0.64 7.35
CA VAL A 9 0.70 0.77 7.01
C VAL A 9 1.51 1.59 8.02
N LYS A 10 2.45 2.36 7.50
CA LYS A 10 3.30 3.22 8.32
C LYS A 10 2.49 4.34 8.94
N PHE A 11 1.92 5.17 8.07
CA PHE A 11 1.19 6.37 8.49
C PHE A 11 -0.08 6.49 7.67
N ASN A 12 -1.05 7.23 8.17
CA ASN A 12 -2.31 7.41 7.46
C ASN A 12 -2.08 8.20 6.17
N TYR A 13 -2.61 7.68 5.09
CA TYR A 13 -2.52 8.34 3.79
C TYR A 13 -3.91 8.54 3.23
N MET A 14 -4.35 9.77 3.15
CA MET A 14 -5.70 10.07 2.71
C MET A 14 -5.75 10.11 1.19
N ALA A 15 -6.45 9.16 0.61
CA ALA A 15 -6.59 9.08 -0.84
C ALA A 15 -7.97 9.54 -1.26
N GLU A 16 -7.99 10.65 -1.98
CA GLU A 16 -9.24 11.25 -2.42
C GLU A 16 -9.44 11.05 -3.91
N ARG A 17 -8.87 9.97 -4.43
CA ARG A 17 -9.01 9.60 -5.83
C ARG A 17 -9.05 8.09 -5.97
N GLU A 18 -9.72 7.60 -7.01
CA GLU A 18 -10.01 6.17 -7.15
C GLU A 18 -8.76 5.34 -7.39
N ASP A 19 -7.78 5.91 -8.08
CA ASP A 19 -6.55 5.19 -8.40
C ASP A 19 -5.57 5.24 -7.25
N GLU A 20 -6.01 5.82 -6.14
CA GLU A 20 -5.20 5.89 -4.94
C GLU A 20 -5.81 5.05 -3.83
N LEU A 21 -4.99 4.58 -2.91
CA LEU A 21 -5.48 3.78 -1.81
C LEU A 21 -5.21 4.52 -0.49
N SER A 22 -6.28 4.81 0.25
CA SER A 22 -6.14 5.52 1.51
C SER A 22 -5.72 4.53 2.61
N LEU A 23 -4.51 4.72 3.11
CA LEU A 23 -3.91 3.81 4.07
C LEU A 23 -4.17 4.27 5.51
N ILE A 24 -4.23 3.32 6.43
CA ILE A 24 -4.48 3.61 7.83
C ILE A 24 -3.37 3.03 8.68
N LYS A 25 -2.72 3.88 9.46
CA LYS A 25 -1.69 3.41 10.37
C LYS A 25 -2.25 2.35 11.29
N GLY A 26 -1.66 1.17 11.25
CA GLY A 26 -2.15 0.07 12.06
C GLY A 26 -2.70 -1.06 11.22
N THR A 27 -3.12 -0.75 10.00
CA THR A 27 -3.73 -1.77 9.13
C THR A 27 -2.68 -2.40 8.23
N LYS A 28 -3.11 -3.32 7.37
CA LYS A 28 -2.20 -4.05 6.52
C LYS A 28 -2.76 -4.11 5.10
N VAL A 29 -1.89 -3.89 4.11
CA VAL A 29 -2.32 -3.91 2.72
C VAL A 29 -1.63 -5.02 1.94
N ILE A 30 -2.14 -5.33 0.76
CA ILE A 30 -1.58 -6.35 -0.10
C ILE A 30 -0.85 -5.71 -1.27
N VAL A 31 0.48 -5.72 -1.23
CA VAL A 31 1.27 -5.14 -2.31
C VAL A 31 1.41 -6.11 -3.47
N MET A 32 0.65 -5.90 -4.52
CA MET A 32 0.64 -6.80 -5.66
C MET A 32 1.80 -6.53 -6.60
N GLU A 33 2.12 -5.26 -6.79
CA GLU A 33 3.15 -4.86 -7.74
C GLU A 33 3.98 -3.69 -7.17
N LYS A 34 5.28 -3.72 -7.42
CA LYS A 34 6.19 -2.69 -6.94
C LYS A 34 7.00 -2.10 -8.09
N CYS A 35 6.88 -0.81 -8.30
CA CYS A 35 7.60 -0.13 -9.38
C CYS A 35 8.60 0.87 -8.81
N SER A 36 9.67 1.12 -9.54
CA SER A 36 10.74 2.01 -9.10
C SER A 36 10.30 3.47 -9.11
N ASP A 37 9.09 3.72 -9.60
CA ASP A 37 8.52 5.07 -9.60
C ASP A 37 8.25 5.55 -8.19
N GLY A 38 8.17 4.61 -7.25
CA GLY A 38 7.87 4.94 -5.87
C GLY A 38 6.41 4.67 -5.55
N TRP A 39 5.65 4.39 -6.60
CA TRP A 39 4.25 4.04 -6.46
C TRP A 39 4.08 2.53 -6.53
N TRP A 40 3.52 1.96 -5.48
CA TRP A 40 3.25 0.54 -5.43
C TRP A 40 1.76 0.30 -5.62
N ARG A 41 1.42 -0.77 -6.31
CA ARG A 41 0.03 -1.08 -6.59
C ARG A 41 -0.46 -2.12 -5.59
N GLY A 42 -1.27 -1.68 -4.64
CA GLY A 42 -1.70 -2.55 -3.57
C GLY A 42 -3.20 -2.63 -3.43
N SER A 43 -3.65 -3.55 -2.59
CA SER A 43 -5.07 -3.72 -2.33
C SER A 43 -5.32 -3.76 -0.82
N TYR A 44 -6.40 -3.11 -0.38
CA TYR A 44 -6.75 -3.07 1.03
C TYR A 44 -8.26 -3.04 1.23
N ASN A 45 -8.78 -4.13 1.82
CA ASN A 45 -10.21 -4.26 2.13
C ASN A 45 -11.07 -4.20 0.87
N GLY A 46 -11.54 -3.02 0.55
CA GLY A 46 -12.33 -2.84 -0.65
C GLY A 46 -11.73 -1.80 -1.56
N GLN A 47 -10.62 -1.22 -1.13
CA GLN A 47 -9.93 -0.21 -1.92
C GLN A 47 -8.71 -0.83 -2.60
N VAL A 48 -8.48 -0.44 -3.83
CA VAL A 48 -7.32 -0.92 -4.56
C VAL A 48 -6.70 0.24 -5.34
N GLY A 49 -5.41 0.18 -5.60
CA GLY A 49 -4.79 1.19 -6.42
C GLY A 49 -3.35 1.44 -6.05
N TRP A 50 -2.93 2.70 -6.18
CA TRP A 50 -1.54 3.07 -5.96
C TRP A 50 -1.33 3.72 -4.60
N PHE A 51 -0.22 3.39 -3.98
CA PHE A 51 0.20 4.04 -2.75
C PHE A 51 1.71 4.24 -2.78
N PRO A 52 2.23 5.29 -2.12
CA PRO A 52 3.66 5.54 -2.05
C PRO A 52 4.38 4.52 -1.16
N SER A 53 5.55 4.09 -1.60
CA SER A 53 6.33 3.04 -0.94
C SER A 53 6.64 3.39 0.52
N ASN A 54 6.72 4.67 0.83
CA ASN A 54 7.12 5.12 2.17
C ASN A 54 5.97 5.07 3.17
N TYR A 55 4.94 4.30 2.87
CA TYR A 55 3.77 4.23 3.74
C TYR A 55 3.43 2.80 4.16
N VAL A 56 4.33 1.85 3.89
CA VAL A 56 4.08 0.47 4.28
C VAL A 56 5.25 -0.14 5.04
N THR A 57 5.00 -1.33 5.59
CA THR A 57 5.94 -2.00 6.48
C THR A 57 5.86 -3.51 6.32
N GLU A 58 6.81 -4.10 5.61
CA GLU A 58 6.89 -5.55 5.53
C GLU A 58 7.63 -6.09 6.75
N GLU A 59 8.94 -5.90 6.76
CA GLU A 59 9.77 -6.32 7.88
C GLU A 59 10.31 -5.09 8.60
N GLY A 60 9.45 -4.44 9.36
CA GLY A 60 9.82 -3.21 10.02
C GLY A 60 10.12 -3.40 11.49
N ASP A 61 10.52 -2.33 12.14
CA ASP A 61 10.80 -2.36 13.57
C ASP A 61 9.65 -1.73 14.33
N GLY A 1 9.82 -16.63 -3.50
CA GLY A 1 9.04 -15.53 -2.87
C GLY A 1 7.56 -15.74 -3.04
N SER A 2 6.76 -14.78 -2.61
CA SER A 2 5.32 -14.87 -2.74
C SER A 2 4.74 -13.51 -3.12
N LEU A 3 3.90 -13.50 -4.15
CA LEU A 3 3.17 -12.30 -4.52
C LEU A 3 2.04 -12.04 -3.51
N ASN A 4 1.34 -10.93 -3.69
CA ASN A 4 0.32 -10.49 -2.71
C ASN A 4 1.00 -10.22 -1.38
N MET A 5 2.13 -9.52 -1.45
CA MET A 5 2.95 -9.25 -0.30
C MET A 5 2.26 -8.34 0.69
N PRO A 6 2.19 -8.75 1.95
CA PRO A 6 1.60 -7.94 3.01
C PRO A 6 2.52 -6.82 3.45
N ALA A 7 1.96 -5.63 3.62
CA ALA A 7 2.74 -4.49 4.06
C ALA A 7 2.00 -3.72 5.14
N TYR A 8 2.69 -3.48 6.24
CA TYR A 8 2.10 -2.78 7.38
C TYR A 8 2.11 -1.28 7.13
N VAL A 9 0.97 -0.63 7.31
CA VAL A 9 0.87 0.80 7.07
C VAL A 9 1.57 1.59 8.16
N LYS A 10 2.40 2.52 7.76
CA LYS A 10 3.19 3.32 8.69
C LYS A 10 2.47 4.60 9.10
N PHE A 11 1.83 5.25 8.14
CA PHE A 11 1.16 6.52 8.42
C PHE A 11 -0.22 6.55 7.77
N ASN A 12 -1.11 7.35 8.33
CA ASN A 12 -2.47 7.47 7.82
C ASN A 12 -2.47 8.21 6.49
N TYR A 13 -3.06 7.62 5.47
CA TYR A 13 -3.08 8.21 4.13
C TYR A 13 -4.49 8.20 3.58
N MET A 14 -5.04 9.38 3.36
CA MET A 14 -6.39 9.51 2.83
C MET A 14 -6.34 9.58 1.31
N ALA A 15 -7.04 8.65 0.66
CA ALA A 15 -7.09 8.59 -0.78
C ALA A 15 -8.29 9.37 -1.31
N GLU A 16 -8.03 10.32 -2.20
CA GLU A 16 -9.10 11.13 -2.76
C GLU A 16 -9.33 10.77 -4.23
N ARG A 17 -8.24 10.53 -4.94
CA ARG A 17 -8.30 10.24 -6.36
C ARG A 17 -8.71 8.80 -6.61
N GLU A 18 -9.16 8.53 -7.83
CA GLU A 18 -9.64 7.20 -8.20
C GLU A 18 -8.50 6.18 -8.17
N ASP A 19 -7.31 6.61 -8.52
CA ASP A 19 -6.15 5.72 -8.58
C ASP A 19 -5.38 5.71 -7.26
N GLU A 20 -5.96 6.30 -6.22
CA GLU A 20 -5.33 6.30 -4.91
C GLU A 20 -5.87 5.17 -4.04
N LEU A 21 -5.03 4.72 -3.11
CA LEU A 21 -5.42 3.68 -2.18
C LEU A 21 -5.19 4.18 -0.75
N SER A 22 -6.25 4.18 0.04
CA SER A 22 -6.21 4.74 1.40
C SER A 22 -5.48 3.80 2.36
N LEU A 23 -4.65 4.37 3.22
CA LEU A 23 -3.88 3.59 4.18
C LEU A 23 -4.21 4.03 5.60
N ILE A 24 -4.23 3.10 6.52
CA ILE A 24 -4.49 3.40 7.92
C ILE A 24 -3.33 2.93 8.77
N LYS A 25 -2.69 3.86 9.46
CA LYS A 25 -1.62 3.53 10.38
C LYS A 25 -2.10 2.47 11.36
N GLY A 26 -1.44 1.33 11.38
CA GLY A 26 -1.87 0.25 12.25
C GLY A 26 -2.36 -0.96 11.47
N THR A 27 -2.73 -0.76 10.22
CA THR A 27 -3.29 -1.84 9.41
C THR A 27 -2.27 -2.42 8.45
N LYS A 28 -2.73 -3.34 7.60
CA LYS A 28 -1.87 -4.03 6.65
C LYS A 28 -2.53 -4.08 5.27
N VAL A 29 -1.75 -3.82 4.22
CA VAL A 29 -2.28 -3.85 2.88
C VAL A 29 -1.66 -4.99 2.08
N ILE A 30 -2.26 -5.33 0.95
CA ILE A 30 -1.77 -6.40 0.09
C ILE A 30 -1.16 -5.83 -1.19
N VAL A 31 0.16 -5.87 -1.29
CA VAL A 31 0.85 -5.33 -2.46
C VAL A 31 0.99 -6.41 -3.54
N MET A 32 0.41 -6.15 -4.71
CA MET A 32 0.46 -7.08 -5.81
C MET A 32 1.37 -6.58 -6.93
N GLU A 33 1.72 -5.31 -6.87
CA GLU A 33 2.56 -4.70 -7.90
C GLU A 33 3.41 -3.60 -7.29
N LYS A 34 4.69 -3.59 -7.60
CA LYS A 34 5.61 -2.62 -7.03
C LYS A 34 6.39 -1.89 -8.13
N CYS A 35 6.32 -0.57 -8.11
CA CYS A 35 7.12 0.24 -9.00
C CYS A 35 8.38 0.67 -8.25
N SER A 36 9.52 0.13 -8.66
CA SER A 36 10.77 0.26 -7.91
C SER A 36 11.32 1.70 -7.87
N ASP A 37 10.60 2.62 -8.48
CA ASP A 37 11.05 4.00 -8.55
C ASP A 37 9.96 4.96 -8.10
N GLY A 38 8.86 4.44 -7.57
CA GLY A 38 7.76 5.31 -7.20
C GLY A 38 6.72 4.66 -6.30
N TRP A 39 5.49 4.59 -6.81
CA TRP A 39 4.35 4.15 -6.02
C TRP A 39 4.19 2.64 -6.06
N TRP A 40 3.46 2.10 -5.10
CA TRP A 40 3.13 0.69 -5.07
C TRP A 40 1.63 0.49 -5.25
N ARG A 41 1.25 -0.55 -5.96
CA ARG A 41 -0.15 -0.86 -6.16
C ARG A 41 -0.57 -2.01 -5.27
N GLY A 42 -1.40 -1.70 -4.30
CA GLY A 42 -1.86 -2.69 -3.37
C GLY A 42 -3.33 -2.51 -3.04
N SER A 43 -3.90 -3.49 -2.36
CA SER A 43 -5.30 -3.43 -1.99
C SER A 43 -5.46 -3.39 -0.48
N TYR A 44 -6.31 -2.48 -0.02
CA TYR A 44 -6.62 -2.36 1.39
C TYR A 44 -8.10 -2.62 1.60
N ASN A 45 -8.40 -3.67 2.35
CA ASN A 45 -9.77 -4.06 2.69
C ASN A 45 -10.56 -4.47 1.44
N GLY A 46 -11.23 -3.51 0.83
CA GLY A 46 -12.12 -3.80 -0.28
C GLY A 46 -11.80 -3.01 -1.53
N GLN A 47 -10.70 -2.28 -1.53
CA GLN A 47 -10.32 -1.50 -2.70
C GLN A 47 -8.83 -1.68 -3.00
N VAL A 48 -8.47 -1.48 -4.25
CA VAL A 48 -7.07 -1.56 -4.68
C VAL A 48 -6.65 -0.21 -5.26
N GLY A 49 -5.36 0.01 -5.42
CA GLY A 49 -4.90 1.21 -6.08
C GLY A 49 -3.46 1.53 -5.75
N TRP A 50 -3.05 2.76 -6.02
CA TRP A 50 -1.67 3.17 -5.80
C TRP A 50 -1.51 3.88 -4.47
N PHE A 51 -0.52 3.46 -3.71
CA PHE A 51 -0.20 4.12 -2.45
C PHE A 51 1.30 4.42 -2.41
N PRO A 52 1.69 5.49 -1.72
CA PRO A 52 3.10 5.86 -1.59
C PRO A 52 3.89 4.83 -0.79
N SER A 53 5.05 4.46 -1.30
CA SER A 53 5.86 3.41 -0.71
C SER A 53 6.41 3.83 0.67
N ASN A 54 6.47 5.14 0.89
CA ASN A 54 7.02 5.67 2.14
C ASN A 54 6.02 5.55 3.30
N TYR A 55 4.84 5.04 3.00
CA TYR A 55 3.79 4.92 4.01
C TYR A 55 3.56 3.48 4.43
N VAL A 56 4.43 2.57 4.01
CA VAL A 56 4.25 1.16 4.34
C VAL A 56 5.54 0.49 4.81
N THR A 57 5.40 -0.74 5.25
CA THR A 57 6.50 -1.55 5.73
C THR A 57 6.30 -3.01 5.31
N GLU A 58 7.23 -3.53 4.52
CA GLU A 58 7.12 -4.90 4.01
C GLU A 58 7.19 -5.92 5.16
N GLU A 59 8.41 -6.35 5.49
CA GLU A 59 8.63 -7.21 6.63
C GLU A 59 9.73 -6.61 7.48
N GLY A 60 9.36 -5.65 8.32
CA GLY A 60 10.32 -4.98 9.15
C GLY A 60 9.76 -4.69 10.52
N ASP A 61 10.47 -3.85 11.27
CA ASP A 61 10.08 -3.53 12.64
C ASP A 61 10.58 -2.14 13.02
N GLY A 1 2.89 -13.63 -11.64
CA GLY A 1 1.67 -12.79 -11.53
C GLY A 1 1.86 -11.66 -10.55
N SER A 2 1.91 -11.99 -9.26
CA SER A 2 2.12 -11.00 -8.23
C SER A 2 2.86 -11.61 -7.05
N LEU A 3 3.48 -10.77 -6.24
CA LEU A 3 4.22 -11.24 -5.08
C LEU A 3 3.28 -11.41 -3.88
N ASN A 4 2.31 -10.50 -3.79
CA ASN A 4 1.34 -10.50 -2.70
C ASN A 4 2.05 -10.41 -1.34
N MET A 5 2.84 -9.36 -1.18
CA MET A 5 3.57 -9.13 0.05
C MET A 5 2.75 -8.30 1.01
N PRO A 6 2.49 -8.81 2.22
CA PRO A 6 1.77 -8.06 3.24
C PRO A 6 2.58 -6.88 3.75
N ALA A 7 1.99 -5.69 3.71
CA ALA A 7 2.67 -4.49 4.15
C ALA A 7 1.82 -3.74 5.15
N TYR A 8 2.43 -3.42 6.28
CA TYR A 8 1.76 -2.71 7.34
C TYR A 8 1.78 -1.21 7.05
N VAL A 9 0.63 -0.57 7.16
CA VAL A 9 0.54 0.85 6.92
C VAL A 9 1.17 1.63 8.06
N LYS A 10 2.16 2.44 7.71
CA LYS A 10 2.92 3.18 8.70
C LYS A 10 2.20 4.45 9.14
N PHE A 11 1.62 5.16 8.19
CA PHE A 11 0.91 6.41 8.50
C PHE A 11 -0.42 6.44 7.77
N ASN A 12 -1.42 7.09 8.35
CA ASN A 12 -2.72 7.17 7.72
C ASN A 12 -2.64 8.03 6.46
N TYR A 13 -3.16 7.50 5.37
CA TYR A 13 -3.05 8.14 4.08
C TYR A 13 -4.42 8.26 3.44
N MET A 14 -4.92 9.48 3.34
CA MET A 14 -6.26 9.69 2.81
C MET A 14 -6.21 9.79 1.29
N ALA A 15 -6.97 8.93 0.64
CA ALA A 15 -7.03 8.91 -0.81
C ALA A 15 -7.96 10.00 -1.33
N GLU A 16 -7.40 10.97 -2.02
CA GLU A 16 -8.18 12.08 -2.56
C GLU A 16 -8.36 11.93 -4.06
N ARG A 17 -7.44 11.24 -4.69
CA ARG A 17 -7.52 10.95 -6.12
C ARG A 17 -8.08 9.57 -6.36
N GLU A 18 -8.37 9.28 -7.61
CA GLU A 18 -9.01 8.03 -8.01
C GLU A 18 -8.03 6.86 -7.95
N ASP A 19 -6.75 7.18 -8.12
CA ASP A 19 -5.71 6.15 -8.20
C ASP A 19 -5.07 5.92 -6.83
N GLU A 20 -5.46 6.71 -5.84
CA GLU A 20 -4.88 6.60 -4.51
C GLU A 20 -5.66 5.61 -3.65
N LEU A 21 -4.94 4.92 -2.78
CA LEU A 21 -5.54 3.98 -1.86
C LEU A 21 -5.55 4.57 -0.45
N SER A 22 -6.70 4.53 0.21
CA SER A 22 -6.82 5.02 1.58
C SER A 22 -6.13 4.07 2.56
N LEU A 23 -5.07 4.54 3.18
CA LEU A 23 -4.30 3.72 4.10
C LEU A 23 -4.55 4.15 5.55
N ILE A 24 -4.48 3.19 6.46
CA ILE A 24 -4.72 3.46 7.87
C ILE A 24 -3.57 2.93 8.71
N LYS A 25 -2.91 3.82 9.46
CA LYS A 25 -1.87 3.38 10.38
C LYS A 25 -2.43 2.29 11.29
N GLY A 26 -1.83 1.11 11.25
CA GLY A 26 -2.33 0.01 12.03
C GLY A 26 -2.87 -1.13 11.17
N THR A 27 -3.22 -0.82 9.92
CA THR A 27 -3.76 -1.84 9.02
C THR A 27 -2.67 -2.42 8.14
N LYS A 28 -3.05 -3.35 7.27
CA LYS A 28 -2.11 -4.01 6.39
C LYS A 28 -2.69 -4.11 4.98
N VAL A 29 -1.86 -3.83 3.99
CA VAL A 29 -2.27 -3.93 2.60
C VAL A 29 -1.49 -5.04 1.91
N ILE A 30 -2.03 -5.54 0.82
CA ILE A 30 -1.40 -6.60 0.06
C ILE A 30 -0.63 -6.01 -1.13
N VAL A 31 0.67 -5.89 -0.98
CA VAL A 31 1.51 -5.35 -2.04
C VAL A 31 1.72 -6.39 -3.12
N MET A 32 0.95 -6.28 -4.19
CA MET A 32 0.98 -7.24 -5.26
C MET A 32 2.15 -6.98 -6.20
N GLU A 33 2.38 -5.69 -6.48
CA GLU A 33 3.40 -5.29 -7.43
C GLU A 33 4.07 -4.00 -6.97
N LYS A 34 5.39 -3.98 -7.09
CA LYS A 34 6.17 -2.79 -6.77
C LYS A 34 6.96 -2.36 -8.00
N CYS A 35 6.53 -1.27 -8.62
CA CYS A 35 7.05 -0.88 -9.93
C CYS A 35 8.39 -0.16 -9.81
N SER A 36 8.82 0.43 -10.92
CA SER A 36 10.10 1.12 -10.99
C SER A 36 10.01 2.54 -10.43
N ASP A 37 8.83 2.90 -9.94
CA ASP A 37 8.63 4.20 -9.33
C ASP A 37 8.42 4.05 -7.82
N GLY A 38 7.94 5.08 -7.16
CA GLY A 38 7.72 5.03 -5.73
C GLY A 38 6.29 4.68 -5.40
N TRP A 39 5.44 4.66 -6.41
CA TRP A 39 4.04 4.28 -6.25
C TRP A 39 3.89 2.78 -6.41
N TRP A 40 3.50 2.11 -5.34
CA TRP A 40 3.30 0.68 -5.36
C TRP A 40 1.83 0.36 -5.54
N ARG A 41 1.55 -0.78 -6.16
CA ARG A 41 0.18 -1.17 -6.42
C ARG A 41 -0.23 -2.30 -5.49
N GLY A 42 -1.04 -1.96 -4.50
CA GLY A 42 -1.43 -2.94 -3.51
C GLY A 42 -2.92 -3.00 -3.31
N SER A 43 -3.37 -3.97 -2.55
CA SER A 43 -4.79 -4.15 -2.29
C SER A 43 -5.08 -4.12 -0.79
N TYR A 44 -6.03 -3.30 -0.40
CA TYR A 44 -6.44 -3.19 0.99
C TYR A 44 -7.82 -3.82 1.15
N ASN A 45 -8.08 -4.41 2.31
CA ASN A 45 -9.37 -5.04 2.60
C ASN A 45 -10.53 -4.13 2.21
N GLY A 46 -11.08 -4.33 1.01
CA GLY A 46 -12.18 -3.54 0.53
C GLY A 46 -11.95 -2.96 -0.84
N GLN A 47 -10.78 -2.37 -1.08
CA GLN A 47 -10.49 -1.69 -2.34
C GLN A 47 -9.05 -1.92 -2.78
N VAL A 48 -8.68 -1.35 -3.92
CA VAL A 48 -7.35 -1.53 -4.47
C VAL A 48 -6.85 -0.20 -5.02
N GLY A 49 -5.54 -0.09 -5.29
CA GLY A 49 -5.03 1.09 -5.94
C GLY A 49 -3.55 1.33 -5.68
N TRP A 50 -3.10 2.56 -5.91
CA TRP A 50 -1.70 2.91 -5.74
C TRP A 50 -1.46 3.57 -4.39
N PHE A 51 -0.25 3.43 -3.88
CA PHE A 51 0.15 4.09 -2.65
C PHE A 51 1.65 4.34 -2.65
N PRO A 52 2.10 5.40 -1.99
CA PRO A 52 3.53 5.70 -1.88
C PRO A 52 4.24 4.77 -0.90
N SER A 53 5.43 4.34 -1.26
CA SER A 53 6.24 3.45 -0.43
C SER A 53 6.54 4.06 0.93
N ASN A 54 6.42 5.38 1.02
CA ASN A 54 6.72 6.13 2.24
C ASN A 54 5.81 5.69 3.40
N TYR A 55 4.60 5.25 3.08
CA TYR A 55 3.59 5.02 4.09
C TYR A 55 3.37 3.55 4.41
N VAL A 56 4.26 2.68 3.92
CA VAL A 56 4.10 1.25 4.18
C VAL A 56 5.36 0.60 4.70
N THR A 57 5.20 -0.62 5.19
CA THR A 57 6.30 -1.43 5.68
C THR A 57 5.94 -2.91 5.55
N GLU A 58 6.56 -3.62 4.61
CA GLU A 58 6.31 -5.04 4.42
C GLU A 58 6.69 -5.83 5.66
N GLU A 59 7.99 -6.02 5.85
CA GLU A 59 8.49 -6.70 7.03
C GLU A 59 9.55 -5.83 7.69
N GLY A 60 9.07 -4.91 8.52
CA GLY A 60 9.92 -3.92 9.15
C GLY A 60 10.97 -4.54 10.05
N ASP A 61 12.10 -3.84 10.17
CA ASP A 61 13.19 -4.31 11.00
C ASP A 61 12.93 -3.91 12.45
N GLY A 1 0.98 -14.11 -11.94
CA GLY A 1 0.56 -12.69 -11.80
C GLY A 1 1.45 -11.93 -10.85
N SER A 2 0.86 -11.00 -10.13
CA SER A 2 1.58 -10.17 -9.18
C SER A 2 1.99 -11.00 -7.95
N LEU A 3 2.93 -10.47 -7.18
CA LEU A 3 3.52 -11.20 -6.06
C LEU A 3 2.59 -11.25 -4.85
N ASN A 4 1.93 -10.12 -4.57
CA ASN A 4 1.04 -9.99 -3.42
C ASN A 4 1.82 -10.11 -2.11
N MET A 5 2.36 -8.99 -1.65
CA MET A 5 3.13 -8.96 -0.42
C MET A 5 2.40 -8.14 0.64
N PRO A 6 2.04 -8.76 1.76
CA PRO A 6 1.40 -8.05 2.88
C PRO A 6 2.37 -7.09 3.57
N ALA A 7 1.92 -5.86 3.78
CA ALA A 7 2.75 -4.83 4.41
C ALA A 7 1.89 -3.98 5.31
N TYR A 8 2.46 -3.53 6.41
CA TYR A 8 1.74 -2.73 7.38
C TYR A 8 1.72 -1.27 6.94
N VAL A 9 0.81 -0.49 7.47
CA VAL A 9 0.75 0.93 7.13
C VAL A 9 1.59 1.77 8.09
N LYS A 10 2.33 2.72 7.54
CA LYS A 10 3.15 3.65 8.33
C LYS A 10 2.27 4.69 9.00
N PHE A 11 1.53 5.44 8.18
CA PHE A 11 0.73 6.57 8.67
C PHE A 11 -0.64 6.55 8.01
N ASN A 12 -1.60 7.22 8.65
CA ASN A 12 -2.95 7.30 8.09
C ASN A 12 -2.95 8.15 6.83
N TYR A 13 -3.39 7.57 5.74
CA TYR A 13 -3.35 8.22 4.44
C TYR A 13 -4.71 8.11 3.76
N MET A 14 -5.50 9.16 3.84
CA MET A 14 -6.84 9.16 3.28
C MET A 14 -6.79 9.55 1.81
N ALA A 15 -7.07 8.58 0.93
CA ALA A 15 -6.94 8.77 -0.50
C ALA A 15 -8.09 9.57 -1.09
N GLU A 16 -7.76 10.59 -1.87
CA GLU A 16 -8.76 11.43 -2.50
C GLU A 16 -8.96 11.07 -3.96
N ARG A 17 -7.89 10.62 -4.61
CA ARG A 17 -7.94 10.35 -6.04
C ARG A 17 -8.30 8.88 -6.33
N GLU A 18 -8.62 8.63 -7.60
CA GLU A 18 -9.06 7.32 -8.06
C GLU A 18 -7.94 6.28 -8.02
N ASP A 19 -6.73 6.72 -8.33
CA ASP A 19 -5.58 5.82 -8.41
C ASP A 19 -4.78 5.82 -7.11
N GLU A 20 -5.44 6.17 -6.02
CA GLU A 20 -4.82 6.14 -4.70
C GLU A 20 -5.43 5.05 -3.84
N LEU A 21 -4.78 4.77 -2.71
CA LEU A 21 -5.28 3.80 -1.76
C LEU A 21 -5.26 4.41 -0.35
N SER A 22 -6.39 4.36 0.35
CA SER A 22 -6.47 4.90 1.70
C SER A 22 -5.83 3.94 2.69
N LEU A 23 -4.78 4.41 3.35
CA LEU A 23 -4.05 3.58 4.29
C LEU A 23 -4.35 3.99 5.73
N ILE A 24 -4.38 3.02 6.63
CA ILE A 24 -4.65 3.28 8.03
C ILE A 24 -3.52 2.75 8.90
N LYS A 25 -2.86 3.63 9.63
CA LYS A 25 -1.82 3.21 10.57
C LYS A 25 -2.39 2.16 11.52
N GLY A 26 -1.77 0.98 11.54
CA GLY A 26 -2.28 -0.09 12.35
C GLY A 26 -2.76 -1.27 11.52
N THR A 27 -3.12 -1.01 10.27
CA THR A 27 -3.65 -2.04 9.39
C THR A 27 -2.59 -2.57 8.44
N LYS A 28 -2.96 -3.54 7.62
CA LYS A 28 -2.04 -4.19 6.70
C LYS A 28 -2.63 -4.21 5.30
N VAL A 29 -1.83 -3.83 4.30
CA VAL A 29 -2.27 -3.82 2.92
C VAL A 29 -1.61 -4.94 2.13
N ILE A 30 -2.14 -5.20 0.94
CA ILE A 30 -1.59 -6.19 0.05
C ILE A 30 -0.86 -5.50 -1.10
N VAL A 31 0.45 -5.58 -1.12
CA VAL A 31 1.21 -5.04 -2.23
C VAL A 31 1.26 -6.06 -3.36
N MET A 32 0.35 -5.95 -4.30
CA MET A 32 0.26 -6.89 -5.40
C MET A 32 1.52 -6.83 -6.26
N GLU A 33 1.77 -5.67 -6.85
CA GLU A 33 2.86 -5.52 -7.79
C GLU A 33 3.62 -4.23 -7.49
N LYS A 34 4.92 -4.23 -7.74
CA LYS A 34 5.77 -3.11 -7.38
C LYS A 34 6.47 -2.52 -8.60
N CYS A 35 6.95 -1.30 -8.46
CA CYS A 35 7.68 -0.63 -9.51
C CYS A 35 8.99 -0.06 -8.95
N SER A 36 9.72 0.66 -9.79
CA SER A 36 10.99 1.25 -9.37
C SER A 36 10.80 2.67 -8.83
N ASP A 37 9.84 3.40 -9.40
CA ASP A 37 9.68 4.82 -9.07
C ASP A 37 9.13 5.03 -7.66
N GLY A 38 8.21 4.19 -7.22
CA GLY A 38 7.70 4.31 -5.86
C GLY A 38 6.22 3.98 -5.72
N TRP A 39 5.44 4.21 -6.77
CA TRP A 39 4.01 3.92 -6.71
C TRP A 39 3.75 2.41 -6.80
N TRP A 40 3.35 1.83 -5.68
CA TRP A 40 3.12 0.40 -5.62
C TRP A 40 1.65 0.07 -5.81
N ARG A 41 1.40 -0.98 -6.58
CA ARG A 41 0.04 -1.42 -6.86
C ARG A 41 -0.45 -2.29 -5.72
N GLY A 42 -1.34 -1.74 -4.90
CA GLY A 42 -1.75 -2.43 -3.69
C GLY A 42 -3.24 -2.54 -3.55
N SER A 43 -3.66 -3.41 -2.64
CA SER A 43 -5.07 -3.64 -2.35
C SER A 43 -5.30 -3.67 -0.85
N TYR A 44 -6.36 -3.02 -0.38
CA TYR A 44 -6.67 -2.99 1.04
C TYR A 44 -8.18 -3.01 1.29
N ASN A 45 -8.64 -4.11 1.88
CA ASN A 45 -10.03 -4.26 2.32
C ASN A 45 -11.00 -4.25 1.15
N GLY A 46 -11.42 -3.05 0.76
CA GLY A 46 -12.34 -2.89 -0.34
C GLY A 46 -11.90 -1.83 -1.32
N GLN A 47 -10.72 -1.29 -1.08
CA GLN A 47 -10.18 -0.26 -1.97
C GLN A 47 -8.88 -0.76 -2.58
N VAL A 48 -8.72 -0.53 -3.88
CA VAL A 48 -7.54 -0.97 -4.58
C VAL A 48 -6.91 0.21 -5.32
N GLY A 49 -5.65 0.08 -5.69
CA GLY A 49 -5.02 1.10 -6.48
C GLY A 49 -3.53 1.21 -6.22
N TRP A 50 -3.04 2.44 -6.10
CA TRP A 50 -1.62 2.67 -5.93
C TRP A 50 -1.37 3.45 -4.64
N PHE A 51 -0.24 3.17 -4.00
CA PHE A 51 0.15 3.89 -2.80
C PHE A 51 1.65 4.18 -2.83
N PRO A 52 2.10 5.22 -2.12
CA PRO A 52 3.52 5.53 -1.97
C PRO A 52 4.23 4.49 -1.10
N SER A 53 5.35 3.97 -1.60
CA SER A 53 6.07 2.88 -0.94
C SER A 53 6.58 3.26 0.46
N ASN A 54 6.68 4.55 0.75
CA ASN A 54 7.20 5.00 2.03
C ASN A 54 6.08 5.09 3.07
N TYR A 55 4.86 4.75 2.67
CA TYR A 55 3.74 4.77 3.60
C TYR A 55 3.38 3.37 4.07
N VAL A 56 4.17 2.38 3.66
CA VAL A 56 3.97 1.02 4.12
C VAL A 56 5.15 0.54 4.95
N THR A 57 4.98 -0.62 5.55
CA THR A 57 5.97 -1.23 6.40
C THR A 57 6.04 -2.72 6.10
N GLU A 58 7.06 -3.13 5.37
CA GLU A 58 7.21 -4.52 5.03
C GLU A 58 8.09 -5.21 6.05
N GLU A 59 9.36 -4.79 6.10
CA GLU A 59 10.34 -5.35 7.03
C GLU A 59 11.59 -4.48 7.07
N GLY A 60 11.75 -3.76 8.17
CA GLY A 60 12.98 -3.01 8.40
C GLY A 60 13.08 -1.76 7.57
N ASP A 61 11.96 -1.24 7.12
CA ASP A 61 11.93 -0.02 6.35
C ASP A 61 11.34 1.12 7.17
N GLY A 1 0.90 -17.92 -8.31
CA GLY A 1 -0.36 -17.20 -8.67
C GLY A 1 -0.27 -15.72 -8.39
N SER A 2 0.47 -15.00 -9.25
CA SER A 2 0.75 -13.57 -9.11
C SER A 2 1.39 -13.23 -7.75
N LEU A 3 1.78 -11.97 -7.59
CA LEU A 3 2.40 -11.53 -6.35
C LEU A 3 1.34 -11.15 -5.33
N ASN A 4 1.79 -10.90 -4.11
CA ASN A 4 0.91 -10.73 -2.95
C ASN A 4 1.76 -10.49 -1.71
N MET A 5 2.38 -9.33 -1.64
CA MET A 5 3.28 -9.00 -0.53
C MET A 5 2.53 -8.19 0.52
N PRO A 6 2.43 -8.70 1.75
CA PRO A 6 1.79 -7.97 2.84
C PRO A 6 2.61 -6.74 3.24
N ALA A 7 1.94 -5.61 3.42
CA ALA A 7 2.63 -4.39 3.79
C ALA A 7 1.86 -3.66 4.88
N TYR A 8 2.57 -3.33 5.95
CA TYR A 8 1.99 -2.65 7.08
C TYR A 8 2.05 -1.15 6.87
N VAL A 9 0.95 -0.46 7.08
CA VAL A 9 0.88 0.98 6.83
C VAL A 9 1.67 1.76 7.87
N LYS A 10 2.53 2.65 7.40
CA LYS A 10 3.36 3.47 8.28
C LYS A 10 2.55 4.60 8.91
N PHE A 11 1.93 5.40 8.06
CA PHE A 11 1.23 6.60 8.51
C PHE A 11 -0.16 6.69 7.87
N ASN A 12 -1.01 7.51 8.48
CA ASN A 12 -2.36 7.73 7.97
C ASN A 12 -2.31 8.52 6.67
N TYR A 13 -2.95 7.98 5.63
CA TYR A 13 -2.95 8.61 4.32
C TYR A 13 -4.35 8.58 3.72
N MET A 14 -4.98 9.74 3.65
CA MET A 14 -6.30 9.86 3.06
C MET A 14 -6.20 9.84 1.54
N ALA A 15 -7.09 9.09 0.90
CA ALA A 15 -7.11 9.00 -0.54
C ALA A 15 -8.30 9.75 -1.13
N GLU A 16 -8.04 10.50 -2.19
CA GLU A 16 -9.09 11.26 -2.85
C GLU A 16 -9.49 10.57 -4.16
N ARG A 17 -8.49 10.18 -4.92
CA ARG A 17 -8.71 9.53 -6.21
C ARG A 17 -8.63 8.02 -6.07
N GLU A 18 -9.22 7.29 -7.02
CA GLU A 18 -9.17 5.82 -6.98
C GLU A 18 -7.79 5.29 -7.35
N ASP A 19 -6.94 6.15 -7.90
CA ASP A 19 -5.56 5.78 -8.17
C ASP A 19 -4.71 6.04 -6.92
N GLU A 20 -5.41 6.36 -5.84
CA GLU A 20 -4.81 6.43 -4.52
C GLU A 20 -5.37 5.33 -3.64
N LEU A 21 -4.78 5.11 -2.49
CA LEU A 21 -5.30 4.14 -1.54
C LEU A 21 -5.28 4.72 -0.14
N SER A 22 -6.45 4.71 0.51
CA SER A 22 -6.56 5.20 1.88
C SER A 22 -5.84 4.27 2.84
N LEU A 23 -4.72 4.73 3.38
CA LEU A 23 -3.91 3.93 4.27
C LEU A 23 -4.10 4.36 5.71
N ILE A 24 -4.18 3.39 6.60
CA ILE A 24 -4.40 3.64 8.01
C ILE A 24 -3.27 3.03 8.83
N LYS A 25 -2.55 3.87 9.57
CA LYS A 25 -1.53 3.37 10.48
C LYS A 25 -2.15 2.34 11.43
N GLY A 26 -1.61 1.14 11.41
CA GLY A 26 -2.19 0.09 12.22
C GLY A 26 -2.74 -1.04 11.36
N THR A 27 -2.90 -0.78 10.07
CA THR A 27 -3.48 -1.77 9.17
C THR A 27 -2.43 -2.36 8.23
N LYS A 28 -2.85 -3.30 7.40
CA LYS A 28 -1.97 -3.97 6.48
C LYS A 28 -2.61 -4.07 5.10
N VAL A 29 -1.84 -3.75 4.06
CA VAL A 29 -2.32 -3.82 2.69
C VAL A 29 -1.65 -4.97 1.94
N ILE A 30 -2.10 -5.23 0.72
CA ILE A 30 -1.56 -6.31 -0.09
C ILE A 30 -0.90 -5.77 -1.35
N VAL A 31 0.42 -5.82 -1.41
CA VAL A 31 1.16 -5.30 -2.56
C VAL A 31 1.39 -6.40 -3.59
N MET A 32 0.71 -6.29 -4.72
CA MET A 32 0.79 -7.30 -5.76
C MET A 32 1.75 -6.87 -6.87
N GLU A 33 1.92 -5.57 -7.03
CA GLU A 33 2.81 -5.02 -8.04
C GLU A 33 3.68 -3.92 -7.45
N LYS A 34 4.99 -4.05 -7.64
CA LYS A 34 5.93 -3.12 -7.04
C LYS A 34 6.73 -2.39 -8.10
N CYS A 35 6.72 -1.06 -8.02
CA CYS A 35 7.59 -0.24 -8.86
C CYS A 35 8.91 0.00 -8.15
N SER A 36 9.87 0.58 -8.84
CA SER A 36 11.22 0.73 -8.31
C SER A 36 11.26 1.64 -7.09
N ASP A 37 10.56 2.77 -7.14
CA ASP A 37 10.56 3.72 -6.03
C ASP A 37 9.24 4.47 -5.90
N GLY A 38 8.53 4.63 -7.01
CA GLY A 38 7.32 5.44 -7.01
C GLY A 38 6.13 4.79 -6.33
N TRP A 39 5.01 4.74 -7.04
CA TRP A 39 3.77 4.22 -6.48
C TRP A 39 3.75 2.70 -6.52
N TRP A 40 3.18 2.11 -5.49
CA TRP A 40 3.00 0.68 -5.42
C TRP A 40 1.54 0.33 -5.62
N ARG A 41 1.29 -0.79 -6.29
CA ARG A 41 -0.07 -1.22 -6.58
C ARG A 41 -0.50 -2.27 -5.55
N GLY A 42 -1.43 -1.89 -4.69
CA GLY A 42 -1.83 -2.76 -3.60
C GLY A 42 -3.31 -2.73 -3.35
N SER A 43 -3.77 -3.63 -2.49
CA SER A 43 -5.17 -3.73 -2.13
C SER A 43 -5.34 -3.56 -0.62
N TYR A 44 -6.41 -2.91 -0.21
CA TYR A 44 -6.72 -2.74 1.21
C TYR A 44 -8.22 -2.90 1.45
N ASN A 45 -8.56 -4.00 2.13
CA ASN A 45 -9.95 -4.31 2.47
C ASN A 45 -10.79 -4.51 1.21
N GLY A 46 -11.43 -3.45 0.77
CA GLY A 46 -12.28 -3.53 -0.40
C GLY A 46 -11.77 -2.69 -1.55
N GLN A 47 -10.88 -1.74 -1.26
CA GLN A 47 -10.38 -0.84 -2.29
C GLN A 47 -8.98 -1.23 -2.73
N VAL A 48 -8.77 -1.26 -4.03
CA VAL A 48 -7.47 -1.54 -4.60
C VAL A 48 -6.95 -0.28 -5.29
N GLY A 49 -5.66 -0.21 -5.54
CA GLY A 49 -5.14 0.91 -6.30
C GLY A 49 -3.67 1.14 -6.04
N TRP A 50 -3.27 2.41 -6.00
CA TRP A 50 -1.86 2.76 -5.85
C TRP A 50 -1.63 3.57 -4.58
N PHE A 51 -0.47 3.39 -3.98
CA PHE A 51 -0.11 4.14 -2.80
C PHE A 51 1.38 4.47 -2.81
N PRO A 52 1.79 5.53 -2.11
CA PRO A 52 3.20 5.90 -1.98
C PRO A 52 3.97 4.90 -1.11
N SER A 53 5.09 4.42 -1.63
CA SER A 53 5.90 3.40 -0.95
C SER A 53 6.46 3.92 0.38
N ASN A 54 6.46 5.23 0.57
CA ASN A 54 6.95 5.85 1.79
C ASN A 54 6.02 5.55 2.97
N TYR A 55 4.81 5.08 2.68
CA TYR A 55 3.81 4.88 3.71
C TYR A 55 3.60 3.41 4.04
N VAL A 56 4.49 2.53 3.61
CA VAL A 56 4.32 1.10 3.88
C VAL A 56 5.59 0.43 4.40
N THR A 57 5.37 -0.60 5.19
CA THR A 57 6.40 -1.47 5.70
C THR A 57 6.09 -2.92 5.29
N GLU A 58 6.85 -3.46 4.33
CA GLU A 58 6.59 -4.82 3.86
C GLU A 58 6.67 -5.82 5.02
N GLU A 59 7.88 -6.22 5.38
CA GLU A 59 8.07 -7.12 6.51
C GLU A 59 9.18 -6.62 7.42
N GLY A 60 8.82 -5.72 8.32
CA GLY A 60 9.78 -5.15 9.24
C GLY A 60 9.21 -5.04 10.64
N ASP A 61 9.53 -3.95 11.32
CA ASP A 61 9.08 -3.74 12.69
C ASP A 61 7.86 -2.84 12.71
N GLY A 1 10.54 -13.73 -3.33
CA GLY A 1 9.47 -13.05 -4.11
C GLY A 1 9.14 -11.68 -3.53
N SER A 2 8.71 -10.77 -4.40
CA SER A 2 8.31 -9.44 -3.96
C SER A 2 6.86 -9.17 -4.36
N LEU A 3 6.19 -10.22 -4.83
CA LEU A 3 4.82 -10.11 -5.29
C LEU A 3 3.87 -10.62 -4.21
N ASN A 4 2.80 -9.87 -3.96
CA ASN A 4 1.81 -10.20 -2.93
C ASN A 4 2.43 -10.10 -1.54
N MET A 5 3.06 -8.97 -1.28
CA MET A 5 3.75 -8.76 0.00
C MET A 5 2.85 -8.01 0.97
N PRO A 6 2.59 -8.60 2.15
CA PRO A 6 1.78 -7.96 3.18
C PRO A 6 2.57 -6.89 3.93
N ALA A 7 2.00 -5.69 4.03
CA ALA A 7 2.71 -4.57 4.64
C ALA A 7 1.80 -3.79 5.57
N TYR A 8 2.35 -3.44 6.73
CA TYR A 8 1.60 -2.75 7.77
C TYR A 8 1.64 -1.24 7.57
N VAL A 9 0.48 -0.62 7.37
CA VAL A 9 0.40 0.81 7.11
C VAL A 9 1.01 1.61 8.26
N LYS A 10 2.01 2.42 7.94
CA LYS A 10 2.75 3.18 8.95
C LYS A 10 2.02 4.46 9.30
N PHE A 11 1.36 5.04 8.32
CA PHE A 11 0.74 6.35 8.48
C PHE A 11 -0.56 6.43 7.69
N ASN A 12 -1.51 7.17 8.25
CA ASN A 12 -2.85 7.29 7.67
C ASN A 12 -2.81 8.08 6.37
N TYR A 13 -2.75 7.38 5.25
CA TYR A 13 -2.71 8.03 3.95
C TYR A 13 -4.12 8.14 3.40
N MET A 14 -4.71 9.31 3.54
CA MET A 14 -6.09 9.51 3.12
C MET A 14 -6.14 9.89 1.65
N ALA A 15 -6.46 8.90 0.81
CA ALA A 15 -6.50 9.09 -0.63
C ALA A 15 -7.61 10.04 -1.05
N GLU A 16 -7.33 10.84 -2.07
CA GLU A 16 -8.34 11.73 -2.63
C GLU A 16 -8.59 11.38 -4.10
N ARG A 17 -7.56 10.85 -4.75
CA ARG A 17 -7.67 10.39 -6.12
C ARG A 17 -8.36 9.04 -6.16
N GLU A 18 -8.96 8.73 -7.30
CA GLU A 18 -9.65 7.46 -7.48
C GLU A 18 -8.64 6.32 -7.62
N ASP A 19 -7.48 6.65 -8.17
CA ASP A 19 -6.42 5.67 -8.42
C ASP A 19 -5.53 5.49 -7.20
N GLU A 20 -5.75 6.31 -6.17
CA GLU A 20 -5.02 6.17 -4.92
C GLU A 20 -5.65 5.12 -4.03
N LEU A 21 -4.95 4.76 -2.96
CA LEU A 21 -5.45 3.83 -1.97
C LEU A 21 -5.45 4.47 -0.58
N SER A 22 -6.61 4.52 0.05
CA SER A 22 -6.71 5.07 1.40
C SER A 22 -6.11 4.10 2.43
N LEU A 23 -4.98 4.49 3.01
CA LEU A 23 -4.28 3.64 3.96
C LEU A 23 -4.57 4.07 5.39
N ILE A 24 -4.75 3.10 6.27
CA ILE A 24 -5.05 3.36 7.65
C ILE A 24 -3.91 2.89 8.53
N LYS A 25 -3.26 3.81 9.22
CA LYS A 25 -2.23 3.44 10.17
C LYS A 25 -2.78 2.41 11.14
N GLY A 26 -2.16 1.24 11.18
CA GLY A 26 -2.67 0.17 12.00
C GLY A 26 -3.08 -1.04 11.18
N THR A 27 -3.44 -0.81 9.93
CA THR A 27 -3.93 -1.89 9.08
C THR A 27 -2.82 -2.48 8.22
N LYS A 28 -3.16 -3.48 7.42
CA LYS A 28 -2.19 -4.14 6.57
C LYS A 28 -2.72 -4.23 5.15
N VAL A 29 -1.88 -3.92 4.17
CA VAL A 29 -2.27 -4.01 2.76
C VAL A 29 -1.47 -5.09 2.06
N ILE A 30 -1.95 -5.49 0.89
CA ILE A 30 -1.25 -6.49 0.09
C ILE A 30 -0.61 -5.82 -1.12
N VAL A 31 0.71 -5.64 -1.08
CA VAL A 31 1.40 -5.04 -2.21
C VAL A 31 1.64 -6.11 -3.28
N MET A 32 0.87 -6.02 -4.35
CA MET A 32 0.96 -7.00 -5.41
C MET A 32 2.00 -6.58 -6.44
N GLU A 33 1.76 -5.43 -7.06
CA GLU A 33 2.59 -4.97 -8.16
C GLU A 33 3.36 -3.71 -7.77
N LYS A 34 4.68 -3.77 -7.90
CA LYS A 34 5.53 -2.67 -7.50
C LYS A 34 6.19 -2.03 -8.71
N CYS A 35 6.13 -0.71 -8.79
CA CYS A 35 6.77 0.01 -9.88
C CYS A 35 8.22 0.30 -9.53
N SER A 36 8.98 0.71 -10.54
CA SER A 36 10.41 0.92 -10.40
C SER A 36 10.75 2.22 -9.66
N ASP A 37 9.75 3.00 -9.29
CA ASP A 37 9.99 4.27 -8.61
C ASP A 37 9.49 4.25 -7.17
N GLY A 38 8.19 4.48 -6.98
CA GLY A 38 7.66 4.54 -5.63
C GLY A 38 6.18 4.21 -5.57
N TRP A 39 5.49 4.33 -6.69
CA TRP A 39 4.07 4.00 -6.75
C TRP A 39 3.88 2.49 -6.78
N TRP A 40 3.30 1.96 -5.71
CA TRP A 40 2.99 0.55 -5.64
C TRP A 40 1.49 0.33 -5.71
N ARG A 41 1.06 -0.65 -6.49
CA ARG A 41 -0.35 -0.96 -6.57
C ARG A 41 -0.66 -2.13 -5.67
N GLY A 42 -1.29 -1.84 -4.55
CA GLY A 42 -1.63 -2.85 -3.58
C GLY A 42 -3.12 -2.89 -3.33
N SER A 43 -3.57 -3.90 -2.61
CA SER A 43 -4.97 -4.02 -2.28
C SER A 43 -5.18 -4.04 -0.79
N TYR A 44 -6.07 -3.18 -0.34
CA TYR A 44 -6.51 -3.16 1.03
C TYR A 44 -7.96 -3.64 1.05
N ASN A 45 -8.37 -4.31 2.13
CA ASN A 45 -9.73 -4.82 2.23
C ASN A 45 -10.74 -3.69 2.05
N GLY A 46 -11.23 -3.54 0.83
CA GLY A 46 -12.17 -2.49 0.52
C GLY A 46 -11.85 -1.82 -0.81
N GLN A 47 -10.57 -1.54 -1.03
CA GLN A 47 -10.15 -0.82 -2.23
C GLN A 47 -8.72 -1.19 -2.63
N VAL A 48 -8.50 -1.23 -3.93
CA VAL A 48 -7.17 -1.46 -4.48
C VAL A 48 -6.66 -0.15 -5.10
N GLY A 49 -5.36 -0.03 -5.28
CA GLY A 49 -4.86 1.13 -5.98
C GLY A 49 -3.41 1.43 -5.66
N TRP A 50 -2.97 2.64 -5.98
CA TRP A 50 -1.57 3.01 -5.85
C TRP A 50 -1.30 3.74 -4.54
N PHE A 51 -0.17 3.44 -3.93
CA PHE A 51 0.29 4.16 -2.76
C PHE A 51 1.82 4.21 -2.75
N PRO A 52 2.40 5.27 -2.16
CA PRO A 52 3.86 5.40 -2.03
C PRO A 52 4.43 4.41 -1.01
N SER A 53 5.55 3.80 -1.39
CA SER A 53 6.17 2.72 -0.61
C SER A 53 6.43 3.08 0.86
N ASN A 54 6.88 4.30 1.11
CA ASN A 54 7.37 4.70 2.43
C ASN A 54 6.22 4.98 3.42
N TYR A 55 5.03 4.48 3.13
CA TYR A 55 3.90 4.65 4.04
C TYR A 55 3.42 3.30 4.57
N VAL A 56 4.14 2.23 4.23
CA VAL A 56 3.81 0.90 4.73
C VAL A 56 5.03 0.22 5.34
N THR A 57 4.78 -0.86 6.07
CA THR A 57 5.82 -1.65 6.73
C THR A 57 5.90 -3.05 6.13
N GLU A 58 6.88 -3.28 5.28
CA GLU A 58 7.11 -4.60 4.75
C GLU A 58 8.14 -5.32 5.61
N GLU A 59 9.37 -4.82 5.55
CA GLU A 59 10.47 -5.37 6.31
C GLU A 59 11.43 -4.25 6.67
N GLY A 60 11.23 -3.69 7.84
CA GLY A 60 12.06 -2.59 8.30
C GLY A 60 11.62 -2.09 9.65
N ASP A 61 10.97 -2.97 10.39
CA ASP A 61 10.49 -2.64 11.73
C ASP A 61 11.09 -3.60 12.74
N GLY A 1 -1.12 -16.98 -6.91
CA GLY A 1 -1.46 -15.58 -6.55
C GLY A 1 -0.38 -14.61 -7.02
N SER A 2 -0.79 -13.38 -7.30
CA SER A 2 0.12 -12.37 -7.80
C SER A 2 0.86 -11.68 -6.67
N LEU A 3 1.93 -12.33 -6.19
CA LEU A 3 2.74 -11.84 -5.08
C LEU A 3 1.98 -11.90 -3.77
N ASN A 4 0.94 -11.06 -3.65
CA ASN A 4 0.14 -10.98 -2.42
C ASN A 4 1.03 -10.65 -1.22
N MET A 5 1.88 -9.64 -1.40
CA MET A 5 2.84 -9.28 -0.37
C MET A 5 2.22 -8.32 0.63
N PRO A 6 2.16 -8.73 1.90
CA PRO A 6 1.58 -7.90 2.95
C PRO A 6 2.53 -6.79 3.40
N ALA A 7 1.99 -5.59 3.54
CA ALA A 7 2.76 -4.47 4.04
C ALA A 7 1.94 -3.71 5.08
N TYR A 8 2.58 -3.38 6.18
CA TYR A 8 1.90 -2.77 7.31
C TYR A 8 2.00 -1.25 7.21
N VAL A 9 0.86 -0.57 7.24
CA VAL A 9 0.83 0.87 7.05
C VAL A 9 1.53 1.59 8.20
N LYS A 10 2.40 2.52 7.85
CA LYS A 10 3.19 3.27 8.83
C LYS A 10 2.45 4.51 9.31
N PHE A 11 1.70 5.12 8.41
CA PHE A 11 1.06 6.40 8.68
C PHE A 11 -0.24 6.54 7.89
N ASN A 12 -1.18 7.29 8.45
CA ASN A 12 -2.49 7.47 7.85
C ASN A 12 -2.40 8.31 6.56
N TYR A 13 -2.17 7.64 5.45
CA TYR A 13 -2.12 8.33 4.16
C TYR A 13 -3.52 8.51 3.62
N MET A 14 -3.93 9.77 3.49
CA MET A 14 -5.26 10.07 3.00
C MET A 14 -5.26 10.21 1.48
N ALA A 15 -6.13 9.46 0.84
CA ALA A 15 -6.26 9.50 -0.61
C ALA A 15 -7.37 10.45 -1.01
N GLU A 16 -7.28 10.99 -2.22
CA GLU A 16 -8.28 11.93 -2.70
C GLU A 16 -9.00 11.37 -3.92
N ARG A 17 -8.26 11.10 -4.99
CA ARG A 17 -8.87 10.74 -6.25
C ARG A 17 -8.96 9.24 -6.48
N GLU A 18 -9.57 8.87 -7.60
CA GLU A 18 -9.95 7.50 -7.91
C GLU A 18 -8.79 6.49 -7.87
N ASP A 19 -7.61 6.94 -8.29
CA ASP A 19 -6.49 6.01 -8.44
C ASP A 19 -5.58 6.02 -7.21
N GLU A 20 -6.06 6.64 -6.14
CA GLU A 20 -5.31 6.69 -4.89
C GLU A 20 -5.92 5.76 -3.85
N LEU A 21 -5.08 5.12 -3.07
CA LEU A 21 -5.52 4.24 -1.99
C LEU A 21 -5.23 4.87 -0.63
N SER A 22 -6.24 4.97 0.22
CA SER A 22 -6.07 5.49 1.56
C SER A 22 -5.48 4.42 2.47
N LEU A 23 -4.56 4.82 3.33
CA LEU A 23 -3.88 3.90 4.21
C LEU A 23 -4.14 4.24 5.67
N ILE A 24 -4.21 3.22 6.51
CA ILE A 24 -4.48 3.39 7.92
C ILE A 24 -3.34 2.84 8.75
N LYS A 25 -2.70 3.69 9.53
CA LYS A 25 -1.66 3.27 10.44
C LYS A 25 -2.19 2.16 11.33
N GLY A 26 -1.53 1.01 11.30
CA GLY A 26 -1.97 -0.11 12.08
C GLY A 26 -2.56 -1.23 11.25
N THR A 27 -2.89 -0.94 9.99
CA THR A 27 -3.48 -1.94 9.14
C THR A 27 -2.48 -2.49 8.13
N LYS A 28 -2.89 -3.51 7.39
CA LYS A 28 -2.01 -4.18 6.45
C LYS A 28 -2.63 -4.17 5.05
N VAL A 29 -1.82 -3.86 4.04
CA VAL A 29 -2.29 -3.87 2.67
C VAL A 29 -1.67 -5.02 1.89
N ILE A 30 -2.27 -5.38 0.77
CA ILE A 30 -1.77 -6.48 -0.05
C ILE A 30 -1.16 -5.94 -1.34
N VAL A 31 0.16 -5.94 -1.41
CA VAL A 31 0.87 -5.45 -2.59
C VAL A 31 1.00 -6.55 -3.63
N MET A 32 0.63 -6.24 -4.87
CA MET A 32 0.70 -7.22 -5.94
C MET A 32 1.66 -6.77 -7.05
N GLU A 33 1.85 -5.46 -7.17
CA GLU A 33 2.76 -4.92 -8.17
C GLU A 33 3.57 -3.78 -7.58
N LYS A 34 4.88 -3.90 -7.65
CA LYS A 34 5.79 -2.90 -7.13
C LYS A 34 6.61 -2.26 -8.24
N CYS A 35 6.59 -0.94 -8.28
CA CYS A 35 7.43 -0.21 -9.22
C CYS A 35 8.77 0.11 -8.55
N SER A 36 9.76 0.50 -9.36
CA SER A 36 11.09 0.77 -8.85
C SER A 36 11.08 1.94 -7.86
N ASP A 37 10.14 2.85 -8.04
CA ASP A 37 10.05 4.03 -7.20
C ASP A 37 8.66 4.65 -7.27
N GLY A 38 8.17 5.14 -6.14
CA GLY A 38 6.96 5.94 -6.13
C GLY A 38 5.71 5.14 -5.78
N TRP A 39 5.10 4.56 -6.80
CA TRP A 39 3.77 3.97 -6.64
C TRP A 39 3.81 2.46 -6.60
N TRP A 40 3.11 1.89 -5.64
CA TRP A 40 2.87 0.47 -5.57
C TRP A 40 1.37 0.21 -5.71
N ARG A 41 1.01 -0.83 -6.43
CA ARG A 41 -0.40 -1.18 -6.58
C ARG A 41 -0.77 -2.27 -5.58
N GLY A 42 -1.55 -1.88 -4.60
CA GLY A 42 -1.95 -2.81 -3.56
C GLY A 42 -3.42 -2.67 -3.22
N SER A 43 -3.94 -3.67 -2.57
CA SER A 43 -5.34 -3.68 -2.18
C SER A 43 -5.48 -3.63 -0.67
N TYR A 44 -6.47 -2.86 -0.21
CA TYR A 44 -6.68 -2.69 1.22
C TYR A 44 -8.14 -2.94 1.57
N ASN A 45 -8.36 -3.97 2.39
CA ASN A 45 -9.68 -4.34 2.88
C ASN A 45 -10.60 -4.85 1.77
N GLY A 46 -10.09 -4.92 0.55
CA GLY A 46 -10.87 -5.42 -0.55
C GLY A 46 -10.64 -4.66 -1.85
N GLN A 47 -10.63 -3.33 -1.77
CA GLN A 47 -10.45 -2.51 -2.96
C GLN A 47 -8.97 -2.27 -3.22
N VAL A 48 -8.62 -2.19 -4.49
CA VAL A 48 -7.23 -2.04 -4.89
C VAL A 48 -6.95 -0.61 -5.35
N GLY A 49 -5.68 -0.26 -5.44
CA GLY A 49 -5.31 1.02 -5.99
C GLY A 49 -3.84 1.32 -5.81
N TRP A 50 -3.45 2.57 -5.96
CA TRP A 50 -2.04 2.96 -5.88
C TRP A 50 -1.75 3.66 -4.58
N PHE A 51 -0.66 3.29 -3.95
CA PHE A 51 -0.20 3.95 -2.74
C PHE A 51 1.31 4.13 -2.78
N PRO A 52 1.83 5.20 -2.16
CA PRO A 52 3.26 5.47 -2.11
C PRO A 52 3.99 4.52 -1.15
N SER A 53 5.11 4.00 -1.59
CA SER A 53 5.90 3.03 -0.83
C SER A 53 6.46 3.61 0.46
N ASN A 54 6.44 4.94 0.57
CA ASN A 54 7.07 5.63 1.69
C ASN A 54 6.20 5.63 2.94
N TYR A 55 5.06 4.94 2.87
CA TYR A 55 4.10 4.95 3.97
C TYR A 55 3.75 3.54 4.42
N VAL A 56 4.52 2.54 3.97
CA VAL A 56 4.28 1.15 4.34
C VAL A 56 5.54 0.47 4.84
N THR A 57 5.38 -0.31 5.89
CA THR A 57 6.43 -1.16 6.44
C THR A 57 6.24 -2.58 5.93
N GLU A 58 7.20 -3.08 5.16
CA GLU A 58 7.16 -4.47 4.68
C GLU A 58 7.03 -5.41 5.89
N GLU A 59 8.11 -5.55 6.63
CA GLU A 59 8.07 -6.10 7.98
C GLU A 59 9.34 -5.73 8.72
N GLY A 60 9.25 -4.71 9.54
CA GLY A 60 10.38 -4.25 10.31
C GLY A 60 9.95 -3.22 11.33
N ASP A 61 10.30 -1.96 11.10
CA ASP A 61 9.96 -0.90 12.02
C ASP A 61 9.21 0.21 11.29
N GLY A 1 7.84 -15.12 -4.94
CA GLY A 1 8.36 -14.01 -4.11
C GLY A 1 7.27 -12.98 -3.82
N SER A 2 7.61 -11.71 -3.91
CA SER A 2 6.67 -10.66 -3.60
C SER A 2 5.82 -10.29 -4.82
N LEU A 3 4.62 -10.87 -4.88
CA LEU A 3 3.60 -10.49 -5.85
C LEU A 3 2.24 -10.44 -5.16
N ASN A 4 2.30 -10.35 -3.83
CA ASN A 4 1.13 -10.38 -2.97
C ASN A 4 1.58 -10.25 -1.51
N MET A 5 2.57 -9.38 -1.32
CA MET A 5 3.24 -9.23 -0.05
C MET A 5 2.44 -8.35 0.89
N PRO A 6 2.19 -8.79 2.13
CA PRO A 6 1.50 -7.99 3.12
C PRO A 6 2.37 -6.83 3.61
N ALA A 7 1.80 -5.64 3.63
CA ALA A 7 2.53 -4.46 4.07
C ALA A 7 1.78 -3.72 5.16
N TYR A 8 2.47 -3.45 6.23
CA TYR A 8 1.91 -2.74 7.36
C TYR A 8 2.09 -1.25 7.17
N VAL A 9 0.99 -0.51 7.24
CA VAL A 9 0.99 0.92 6.96
C VAL A 9 1.89 1.67 7.93
N LYS A 10 2.80 2.47 7.37
CA LYS A 10 3.72 3.29 8.15
C LYS A 10 2.96 4.33 8.95
N PHE A 11 2.10 5.06 8.26
CA PHE A 11 1.46 6.24 8.79
C PHE A 11 0.21 6.57 7.98
N ASN A 12 -0.74 7.25 8.61
CA ASN A 12 -2.05 7.52 8.01
C ASN A 12 -1.94 8.38 6.75
N TYR A 13 -2.32 7.82 5.62
CA TYR A 13 -2.34 8.52 4.34
C TYR A 13 -3.76 8.53 3.78
N MET A 14 -4.30 9.72 3.58
CA MET A 14 -5.67 9.85 3.11
C MET A 14 -5.71 9.85 1.59
N ALA A 15 -6.67 9.14 1.04
CA ALA A 15 -6.86 9.08 -0.39
C ALA A 15 -8.26 9.54 -0.76
N GLU A 16 -8.41 10.14 -1.93
CA GLU A 16 -9.71 10.63 -2.36
C GLU A 16 -10.07 10.08 -3.73
N ARG A 17 -9.07 9.95 -4.59
CA ARG A 17 -9.32 9.50 -5.95
C ARG A 17 -9.38 7.98 -6.05
N GLU A 18 -9.93 7.52 -7.16
CA GLU A 18 -10.13 6.10 -7.40
C GLU A 18 -8.80 5.39 -7.69
N ASP A 19 -7.82 6.18 -8.12
CA ASP A 19 -6.50 5.64 -8.45
C ASP A 19 -5.59 5.67 -7.23
N GLU A 20 -6.15 6.07 -6.10
CA GLU A 20 -5.39 6.15 -4.85
C GLU A 20 -5.74 5.02 -3.92
N LEU A 21 -4.97 4.90 -2.85
CA LEU A 21 -5.26 3.95 -1.80
C LEU A 21 -4.99 4.59 -0.44
N SER A 22 -6.03 4.77 0.38
CA SER A 22 -5.88 5.40 1.67
C SER A 22 -5.35 4.40 2.69
N LEU A 23 -4.28 4.76 3.37
CA LEU A 23 -3.61 3.86 4.27
C LEU A 23 -3.82 4.29 5.71
N ILE A 24 -4.08 3.33 6.58
CA ILE A 24 -4.32 3.61 7.98
C ILE A 24 -3.24 2.95 8.82
N LYS A 25 -2.50 3.75 9.57
CA LYS A 25 -1.52 3.19 10.48
C LYS A 25 -2.20 2.22 11.43
N GLY A 26 -1.76 0.97 11.40
CA GLY A 26 -2.42 -0.06 12.17
C GLY A 26 -3.02 -1.13 11.29
N THR A 27 -3.24 -0.80 10.02
CA THR A 27 -3.81 -1.77 9.09
C THR A 27 -2.75 -2.29 8.12
N LYS A 28 -3.14 -3.25 7.30
CA LYS A 28 -2.21 -3.91 6.41
C LYS A 28 -2.75 -3.93 4.98
N VAL A 29 -1.89 -3.60 4.02
CA VAL A 29 -2.27 -3.59 2.61
C VAL A 29 -1.61 -4.77 1.89
N ILE A 30 -2.18 -5.15 0.76
CA ILE A 30 -1.63 -6.25 -0.04
C ILE A 30 -0.83 -5.70 -1.22
N VAL A 31 0.47 -5.83 -1.14
CA VAL A 31 1.34 -5.34 -2.21
C VAL A 31 1.56 -6.42 -3.26
N MET A 32 0.86 -6.30 -4.37
CA MET A 32 0.94 -7.30 -5.43
C MET A 32 2.00 -6.93 -6.45
N GLU A 33 2.08 -5.66 -6.77
CA GLU A 33 2.99 -5.20 -7.80
C GLU A 33 3.81 -4.01 -7.31
N LYS A 34 5.14 -4.15 -7.36
CA LYS A 34 6.04 -3.12 -6.85
C LYS A 34 6.93 -2.56 -7.95
N CYS A 35 7.03 -1.25 -7.99
CA CYS A 35 8.03 -0.57 -8.80
C CYS A 35 9.14 -0.07 -7.89
N SER A 36 10.28 0.29 -8.48
CA SER A 36 11.44 0.69 -7.71
C SER A 36 11.19 1.97 -6.93
N ASP A 37 10.48 2.91 -7.54
CA ASP A 37 10.22 4.19 -6.89
C ASP A 37 8.83 4.69 -7.22
N GLY A 38 8.24 5.42 -6.28
CA GLY A 38 6.99 6.10 -6.53
C GLY A 38 5.80 5.37 -5.96
N TRP A 39 4.89 4.97 -6.83
CA TRP A 39 3.62 4.40 -6.42
C TRP A 39 3.63 2.89 -6.55
N TRP A 40 3.13 2.22 -5.54
CA TRP A 40 2.98 0.77 -5.56
C TRP A 40 1.53 0.40 -5.84
N ARG A 41 1.35 -0.69 -6.56
CA ARG A 41 0.01 -1.15 -6.90
C ARG A 41 -0.43 -2.23 -5.92
N GLY A 42 -1.34 -1.88 -5.02
CA GLY A 42 -1.75 -2.80 -3.99
C GLY A 42 -3.24 -2.76 -3.73
N SER A 43 -3.68 -3.64 -2.85
CA SER A 43 -5.09 -3.75 -2.51
C SER A 43 -5.28 -3.67 -1.00
N TYR A 44 -6.34 -3.01 -0.56
CA TYR A 44 -6.59 -2.82 0.87
C TYR A 44 -8.08 -2.70 1.15
N ASN A 45 -8.56 -3.48 2.12
CA ASN A 45 -9.96 -3.48 2.52
C ASN A 45 -10.87 -3.91 1.37
N GLY A 46 -11.42 -2.93 0.68
CA GLY A 46 -12.26 -3.20 -0.48
C GLY A 46 -11.93 -2.26 -1.61
N GLN A 47 -10.75 -1.65 -1.52
CA GLN A 47 -10.30 -0.68 -2.50
C GLN A 47 -8.95 -1.12 -3.05
N VAL A 48 -8.68 -0.78 -4.30
CA VAL A 48 -7.43 -1.17 -4.93
C VAL A 48 -6.86 0.02 -5.70
N GLY A 49 -5.56 0.03 -5.90
CA GLY A 49 -4.97 1.06 -6.69
C GLY A 49 -3.53 1.34 -6.31
N TRP A 50 -3.18 2.61 -6.26
CA TRP A 50 -1.79 3.01 -6.04
C TRP A 50 -1.61 3.67 -4.68
N PHE A 51 -0.53 3.30 -4.00
CA PHE A 51 -0.17 3.93 -2.75
C PHE A 51 1.33 4.21 -2.74
N PRO A 52 1.77 5.28 -2.06
CA PRO A 52 3.18 5.64 -1.99
C PRO A 52 4.00 4.64 -1.18
N SER A 53 5.14 4.25 -1.74
CA SER A 53 5.98 3.20 -1.17
C SER A 53 6.46 3.53 0.24
N ASN A 54 6.75 4.79 0.51
CA ASN A 54 7.32 5.21 1.80
C ASN A 54 6.32 5.03 2.94
N TYR A 55 5.04 4.99 2.60
CA TYR A 55 3.98 5.01 3.59
C TYR A 55 3.59 3.59 4.03
N VAL A 56 4.38 2.59 3.64
CA VAL A 56 4.13 1.21 4.06
C VAL A 56 5.40 0.52 4.54
N THR A 57 5.20 -0.66 5.11
CA THR A 57 6.28 -1.50 5.62
C THR A 57 5.90 -2.97 5.46
N GLU A 58 6.45 -3.64 4.44
CA GLU A 58 6.21 -5.07 4.25
C GLU A 58 6.64 -5.82 5.50
N GLU A 59 7.95 -5.93 5.69
CA GLU A 59 8.51 -6.37 6.95
C GLU A 59 9.88 -5.71 7.12
N GLY A 60 10.07 -4.65 6.36
CA GLY A 60 11.28 -3.86 6.42
C GLY A 60 10.95 -2.39 6.45
N ASP A 61 11.12 -1.79 7.62
CA ASP A 61 10.64 -0.43 7.85
C ASP A 61 11.56 0.60 7.18
N GLY A 1 10.65 -13.96 -6.70
CA GLY A 1 10.10 -12.64 -6.31
C GLY A 1 8.69 -12.78 -5.78
N SER A 2 8.56 -12.90 -4.47
CA SER A 2 7.27 -13.13 -3.84
C SER A 2 6.33 -11.93 -4.04
N LEU A 3 5.33 -12.11 -4.89
CA LEU A 3 4.31 -11.11 -5.10
C LEU A 3 3.22 -11.23 -4.04
N ASN A 4 2.27 -10.31 -4.05
CA ASN A 4 1.20 -10.27 -3.04
C ASN A 4 1.82 -10.14 -1.65
N MET A 5 2.72 -9.19 -1.53
CA MET A 5 3.51 -9.03 -0.31
C MET A 5 2.77 -8.17 0.70
N PRO A 6 2.57 -8.69 1.92
CA PRO A 6 1.92 -7.95 3.00
C PRO A 6 2.78 -6.78 3.49
N ALA A 7 2.17 -5.61 3.59
CA ALA A 7 2.89 -4.43 4.04
C ALA A 7 2.07 -3.63 5.05
N TYR A 8 2.68 -3.34 6.18
CA TYR A 8 2.05 -2.56 7.23
C TYR A 8 1.98 -1.10 6.83
N VAL A 9 0.91 -0.42 7.21
CA VAL A 9 0.78 1.00 6.92
C VAL A 9 1.47 1.84 7.99
N LYS A 10 2.29 2.78 7.56
CA LYS A 10 3.12 3.58 8.46
C LYS A 10 2.49 4.96 8.73
N PHE A 11 1.54 5.36 7.90
CA PHE A 11 0.91 6.68 8.06
C PHE A 11 -0.54 6.65 7.59
N ASN A 12 -1.40 7.39 8.29
CA ASN A 12 -2.79 7.54 7.87
C ASN A 12 -2.88 8.38 6.60
N TYR A 13 -3.38 7.77 5.54
CA TYR A 13 -3.46 8.42 4.24
C TYR A 13 -4.81 8.12 3.59
N MET A 14 -5.71 9.08 3.62
CA MET A 14 -7.02 8.90 3.02
C MET A 14 -6.95 9.23 1.53
N ALA A 15 -7.44 8.32 0.71
CA ALA A 15 -7.45 8.51 -0.73
C ALA A 15 -8.57 9.46 -1.11
N GLU A 16 -8.23 10.47 -1.91
CA GLU A 16 -9.21 11.47 -2.33
C GLU A 16 -9.45 11.39 -3.83
N ARG A 17 -8.69 10.51 -4.48
CA ARG A 17 -8.80 10.33 -5.92
C ARG A 17 -8.96 8.85 -6.25
N GLU A 18 -9.20 8.56 -7.53
CA GLU A 18 -9.50 7.21 -7.99
C GLU A 18 -8.25 6.31 -7.98
N ASP A 19 -7.10 6.90 -8.25
CA ASP A 19 -5.86 6.14 -8.40
C ASP A 19 -5.06 6.11 -7.10
N GLU A 20 -5.75 6.33 -5.99
CA GLU A 20 -5.11 6.33 -4.68
C GLU A 20 -5.68 5.21 -3.82
N LEU A 21 -4.98 4.90 -2.73
CA LEU A 21 -5.42 3.89 -1.80
C LEU A 21 -5.40 4.46 -0.38
N SER A 22 -6.51 4.36 0.34
CA SER A 22 -6.58 4.84 1.71
C SER A 22 -5.80 3.92 2.64
N LEU A 23 -4.73 4.42 3.19
CA LEU A 23 -3.91 3.66 4.11
C LEU A 23 -4.21 4.08 5.55
N ILE A 24 -4.37 3.10 6.42
CA ILE A 24 -4.64 3.35 7.83
C ILE A 24 -3.48 2.87 8.67
N LYS A 25 -2.82 3.80 9.35
CA LYS A 25 -1.74 3.45 10.25
C LYS A 25 -2.24 2.40 11.24
N GLY A 26 -1.60 1.25 11.26
CA GLY A 26 -2.07 0.16 12.10
C GLY A 26 -2.51 -1.04 11.28
N THR A 27 -2.89 -0.81 10.03
CA THR A 27 -3.38 -1.89 9.19
C THR A 27 -2.30 -2.41 8.25
N LYS A 28 -2.66 -3.37 7.42
CA LYS A 28 -1.72 -4.00 6.51
C LYS A 28 -2.35 -4.17 5.13
N VAL A 29 -1.59 -3.87 4.10
CA VAL A 29 -2.09 -3.96 2.73
C VAL A 29 -1.40 -5.10 1.97
N ILE A 30 -1.94 -5.44 0.82
CA ILE A 30 -1.39 -6.50 -0.01
C ILE A 30 -0.73 -5.91 -1.25
N VAL A 31 0.59 -5.91 -1.30
CA VAL A 31 1.30 -5.35 -2.43
C VAL A 31 1.42 -6.38 -3.55
N MET A 32 0.57 -6.24 -4.56
CA MET A 32 0.55 -7.17 -5.67
C MET A 32 1.67 -6.88 -6.66
N GLU A 33 1.91 -5.60 -6.88
CA GLU A 33 2.91 -5.17 -7.86
C GLU A 33 3.76 -4.03 -7.28
N LYS A 34 5.05 -4.07 -7.55
CA LYS A 34 5.98 -3.07 -7.06
C LYS A 34 6.75 -2.43 -8.20
N CYS A 35 6.49 -1.16 -8.45
CA CYS A 35 7.27 -0.39 -9.40
C CYS A 35 8.64 -0.10 -8.80
N SER A 36 9.61 0.17 -9.67
CA SER A 36 11.00 0.42 -9.25
C SER A 36 11.06 1.47 -8.15
N ASP A 37 10.27 2.52 -8.30
CA ASP A 37 10.22 3.59 -7.31
C ASP A 37 8.95 4.41 -7.49
N GLY A 38 8.54 5.11 -6.44
CA GLY A 38 7.35 5.93 -6.53
C GLY A 38 6.15 5.33 -5.83
N TRP A 39 5.20 4.84 -6.60
CA TRP A 39 3.99 4.26 -6.05
C TRP A 39 3.96 2.75 -6.27
N TRP A 40 3.33 2.04 -5.34
CA TRP A 40 3.18 0.60 -5.43
C TRP A 40 1.72 0.22 -5.63
N ARG A 41 1.48 -0.92 -6.24
CA ARG A 41 0.13 -1.40 -6.49
C ARG A 41 -0.29 -2.37 -5.38
N GLY A 42 -1.25 -1.97 -4.58
CA GLY A 42 -1.66 -2.78 -3.44
C GLY A 42 -3.16 -2.87 -3.30
N SER A 43 -3.60 -3.72 -2.38
CA SER A 43 -5.02 -3.90 -2.10
C SER A 43 -5.27 -3.78 -0.59
N TYR A 44 -6.35 -3.11 -0.21
CA TYR A 44 -6.68 -2.93 1.20
C TYR A 44 -8.18 -2.78 1.41
N ASN A 45 -8.76 -3.75 2.14
CA ASN A 45 -10.16 -3.72 2.56
C ASN A 45 -11.11 -3.66 1.37
N GLY A 46 -11.45 -2.45 0.97
CA GLY A 46 -12.38 -2.25 -0.12
C GLY A 46 -11.76 -1.56 -1.31
N GLN A 47 -10.58 -0.98 -1.11
CA GLN A 47 -9.91 -0.26 -2.18
C GLN A 47 -8.72 -1.04 -2.71
N VAL A 48 -8.42 -0.81 -3.97
CA VAL A 48 -7.26 -1.38 -4.61
C VAL A 48 -6.64 -0.31 -5.48
N GLY A 49 -5.33 -0.38 -5.69
CA GLY A 49 -4.71 0.58 -6.57
C GLY A 49 -3.30 0.94 -6.15
N TRP A 50 -3.04 2.24 -6.04
CA TRP A 50 -1.67 2.72 -5.84
C TRP A 50 -1.53 3.43 -4.50
N PHE A 51 -0.40 3.18 -3.85
CA PHE A 51 -0.08 3.83 -2.59
C PHE A 51 1.40 4.21 -2.56
N PRO A 52 1.76 5.24 -1.78
CA PRO A 52 3.16 5.69 -1.64
C PRO A 52 4.01 4.69 -0.89
N SER A 53 5.16 4.34 -1.46
CA SER A 53 6.04 3.32 -0.90
C SER A 53 6.65 3.74 0.44
N ASN A 54 6.72 5.04 0.68
CA ASN A 54 7.36 5.57 1.88
C ASN A 54 6.51 5.28 3.13
N TYR A 55 5.22 5.07 2.92
CA TYR A 55 4.29 4.96 4.05
C TYR A 55 3.88 3.52 4.31
N VAL A 56 4.73 2.58 3.91
CA VAL A 56 4.47 1.17 4.19
C VAL A 56 5.70 0.46 4.74
N THR A 57 5.50 -0.74 5.27
CA THR A 57 6.55 -1.57 5.80
C THR A 57 6.17 -3.04 5.70
N GLU A 58 6.77 -3.74 4.75
CA GLU A 58 6.46 -5.14 4.51
C GLU A 58 6.88 -6.01 5.69
N GLU A 59 8.17 -6.29 5.79
CA GLU A 59 8.69 -7.12 6.86
C GLU A 59 9.92 -6.45 7.47
N GLY A 60 9.69 -5.56 8.42
CA GLY A 60 10.76 -4.84 9.06
C GLY A 60 10.75 -5.00 10.56
N ASP A 61 10.73 -3.88 11.28
CA ASP A 61 10.77 -3.89 12.74
C ASP A 61 9.94 -2.75 13.30
N GLY A 1 8.85 -13.89 -7.03
CA GLY A 1 8.18 -14.66 -5.94
C GLY A 1 6.69 -14.42 -5.92
N SER A 2 6.15 -14.17 -4.74
CA SER A 2 4.73 -13.94 -4.58
C SER A 2 4.38 -12.46 -4.81
N LEU A 3 3.54 -12.21 -5.81
CA LEU A 3 3.07 -10.86 -6.09
C LEU A 3 1.85 -10.55 -5.22
N ASN A 4 2.08 -10.55 -3.92
CA ASN A 4 1.04 -10.42 -2.90
C ASN A 4 1.70 -10.17 -1.54
N MET A 5 2.50 -9.13 -1.46
CA MET A 5 3.28 -8.86 -0.26
C MET A 5 2.46 -8.08 0.76
N PRO A 6 2.23 -8.65 1.95
CA PRO A 6 1.50 -7.97 3.02
C PRO A 6 2.39 -6.95 3.73
N ALA A 7 1.90 -5.72 3.84
CA ALA A 7 2.69 -4.66 4.43
C ALA A 7 1.87 -3.83 5.41
N TYR A 8 2.49 -3.49 6.52
CA TYR A 8 1.84 -2.70 7.55
C TYR A 8 1.90 -1.22 7.20
N VAL A 9 0.80 -0.52 7.42
CA VAL A 9 0.76 0.91 7.16
C VAL A 9 1.45 1.68 8.28
N LYS A 10 2.36 2.55 7.91
CA LYS A 10 3.14 3.33 8.87
C LYS A 10 2.40 4.59 9.28
N PHE A 11 1.89 5.32 8.29
CA PHE A 11 1.24 6.59 8.54
C PHE A 11 -0.13 6.63 7.88
N ASN A 12 -1.06 7.32 8.52
CA ASN A 12 -2.42 7.43 8.00
C ASN A 12 -2.44 8.30 6.74
N TYR A 13 -2.76 7.69 5.62
CA TYR A 13 -2.81 8.40 4.36
C TYR A 13 -4.22 8.35 3.79
N MET A 14 -4.95 9.45 3.98
CA MET A 14 -6.32 9.54 3.51
C MET A 14 -6.34 9.85 2.02
N ALA A 15 -6.74 8.86 1.23
CA ALA A 15 -6.80 9.01 -0.22
C ALA A 15 -8.08 9.74 -0.61
N GLU A 16 -8.03 10.43 -1.73
CA GLU A 16 -9.17 11.22 -2.20
C GLU A 16 -9.56 10.79 -3.61
N ARG A 17 -8.62 10.22 -4.32
CA ARG A 17 -8.80 9.87 -5.72
C ARG A 17 -8.74 8.36 -5.91
N GLU A 18 -9.39 7.86 -6.97
CA GLU A 18 -9.50 6.42 -7.20
C GLU A 18 -8.14 5.79 -7.52
N ASP A 19 -7.21 6.60 -8.02
CA ASP A 19 -5.86 6.11 -8.33
C ASP A 19 -4.96 6.20 -7.10
N GLU A 20 -5.57 6.46 -5.95
CA GLU A 20 -4.87 6.45 -4.67
C GLU A 20 -5.34 5.27 -3.83
N LEU A 21 -4.65 5.00 -2.74
CA LEU A 21 -5.07 3.99 -1.81
C LEU A 21 -5.06 4.56 -0.39
N SER A 22 -6.20 4.50 0.28
CA SER A 22 -6.30 5.02 1.63
C SER A 22 -5.63 4.09 2.62
N LEU A 23 -4.50 4.54 3.15
CA LEU A 23 -3.73 3.74 4.08
C LEU A 23 -4.03 4.17 5.51
N ILE A 24 -4.34 3.20 6.36
CA ILE A 24 -4.65 3.47 7.75
C ILE A 24 -3.54 2.97 8.63
N LYS A 25 -2.89 3.86 9.35
CA LYS A 25 -1.88 3.47 10.31
C LYS A 25 -2.47 2.44 11.26
N GLY A 26 -1.86 1.26 11.30
CA GLY A 26 -2.38 0.19 12.12
C GLY A 26 -2.93 -0.96 11.30
N THR A 27 -3.14 -0.74 10.01
CA THR A 27 -3.69 -1.77 9.14
C THR A 27 -2.63 -2.33 8.21
N LYS A 28 -3.02 -3.27 7.38
CA LYS A 28 -2.09 -3.98 6.50
C LYS A 28 -2.66 -4.05 5.09
N VAL A 29 -1.82 -3.73 4.09
CA VAL A 29 -2.26 -3.76 2.70
C VAL A 29 -1.52 -4.87 1.95
N ILE A 30 -2.05 -5.24 0.79
CA ILE A 30 -1.44 -6.28 -0.03
C ILE A 30 -0.76 -5.69 -1.25
N VAL A 31 0.56 -5.61 -1.22
CA VAL A 31 1.32 -5.09 -2.34
C VAL A 31 1.58 -6.18 -3.37
N MET A 32 0.83 -6.17 -4.44
CA MET A 32 0.97 -7.19 -5.47
C MET A 32 2.00 -6.75 -6.52
N GLU A 33 1.84 -5.52 -7.00
CA GLU A 33 2.70 -4.99 -8.04
C GLU A 33 3.54 -3.84 -7.48
N LYS A 34 4.85 -3.96 -7.59
CA LYS A 34 5.75 -2.93 -7.09
C LYS A 34 6.51 -2.26 -8.24
N CYS A 35 6.13 -1.04 -8.55
CA CYS A 35 6.79 -0.28 -9.60
C CYS A 35 8.03 0.41 -9.03
N SER A 36 9.12 0.38 -9.79
CA SER A 36 10.38 0.96 -9.35
C SER A 36 10.28 2.49 -9.19
N ASP A 37 9.27 3.07 -9.83
CA ASP A 37 9.10 4.53 -9.80
C ASP A 37 8.84 5.01 -8.38
N GLY A 38 8.14 4.21 -7.59
CA GLY A 38 7.83 4.59 -6.22
C GLY A 38 6.38 4.31 -5.87
N TRP A 39 5.53 4.32 -6.87
CA TRP A 39 4.12 4.03 -6.68
C TRP A 39 3.89 2.52 -6.74
N TRP A 40 3.45 1.97 -5.62
CA TRP A 40 3.16 0.55 -5.56
C TRP A 40 1.67 0.30 -5.72
N ARG A 41 1.34 -0.80 -6.36
CA ARG A 41 -0.05 -1.14 -6.62
C ARG A 41 -0.51 -2.21 -5.63
N GLY A 42 -1.31 -1.80 -4.67
CA GLY A 42 -1.73 -2.70 -3.63
C GLY A 42 -3.23 -2.65 -3.41
N SER A 43 -3.74 -3.66 -2.73
CA SER A 43 -5.16 -3.73 -2.41
C SER A 43 -5.36 -3.73 -0.89
N TYR A 44 -6.38 -2.99 -0.45
CA TYR A 44 -6.69 -2.86 0.96
C TYR A 44 -8.18 -2.62 1.17
N ASN A 45 -8.79 -3.44 2.03
CA ASN A 45 -10.20 -3.28 2.41
C ASN A 45 -11.14 -3.38 1.19
N GLY A 46 -10.67 -4.09 0.17
CA GLY A 46 -11.46 -4.25 -1.04
C GLY A 46 -11.02 -3.29 -2.13
N GLN A 47 -10.47 -2.17 -1.72
CA GLN A 47 -9.96 -1.18 -2.66
C GLN A 47 -8.61 -1.62 -3.20
N VAL A 48 -8.28 -1.19 -4.40
CA VAL A 48 -6.98 -1.45 -4.97
C VAL A 48 -6.48 -0.20 -5.66
N GLY A 49 -5.18 -0.04 -5.75
CA GLY A 49 -4.66 1.07 -6.51
C GLY A 49 -3.24 1.42 -6.13
N TRP A 50 -2.86 2.67 -6.33
CA TRP A 50 -1.48 3.10 -6.15
C TRP A 50 -1.28 3.79 -4.82
N PHE A 51 -0.20 3.45 -4.13
CA PHE A 51 0.18 4.14 -2.91
C PHE A 51 1.68 4.34 -2.89
N PRO A 52 2.15 5.42 -2.23
CA PRO A 52 3.58 5.67 -2.06
C PRO A 52 4.20 4.69 -1.07
N SER A 53 5.30 4.06 -1.47
CA SER A 53 5.97 3.03 -0.68
C SER A 53 6.43 3.54 0.69
N ASN A 54 6.56 4.85 0.81
CA ASN A 54 7.09 5.46 2.04
C ASN A 54 6.12 5.34 3.20
N TYR A 55 4.89 4.92 2.93
CA TYR A 55 3.87 4.82 3.96
C TYR A 55 3.67 3.37 4.43
N VAL A 56 4.42 2.44 3.88
CA VAL A 56 4.24 1.03 4.23
C VAL A 56 5.52 0.39 4.76
N THR A 57 5.32 -0.69 5.50
CA THR A 57 6.40 -1.46 6.07
C THR A 57 5.95 -2.90 6.26
N GLU A 58 6.50 -3.80 5.45
CA GLU A 58 6.17 -5.22 5.56
C GLU A 58 6.68 -5.76 6.88
N GLU A 59 8.01 -5.85 6.99
CA GLU A 59 8.65 -6.29 8.22
C GLU A 59 10.16 -6.14 8.06
N GLY A 60 10.54 -5.19 7.22
CA GLY A 60 11.92 -5.06 6.83
C GLY A 60 12.76 -4.19 7.73
N ASP A 61 14.06 -4.29 7.54
CA ASP A 61 15.04 -3.49 8.28
C ASP A 61 16.36 -3.53 7.53
#